data_8G9L
#
_entry.id   8G9L
#
_cell.length_a   1.00
_cell.length_b   1.00
_cell.length_c   1.00
_cell.angle_alpha   90.00
_cell.angle_beta   90.00
_cell.angle_gamma   90.00
#
_symmetry.space_group_name_H-M   'P 1'
#
loop_
_entity.id
_entity.type
_entity.pdbx_description
1 polymer 'DNA polymerase alpha catalytic subunit'
2 polymer 'DNA primase large subunit'
3 polymer 'DNA template'
4 polymer 'RNA primer'
5 non-polymer "2'-DEOXYGUANOSINE-5'-TRIPHOSPHATE"
6 non-polymer 'MAGNESIUM ION'
7 non-polymer 'IRON/SULFUR CLUSTER'
#
loop_
_entity_poly.entity_id
_entity_poly.type
_entity_poly.pdbx_seq_one_letter_code
_entity_poly.pdbx_strand_id
1 'polypeptide(L)'
;SNAADGSQVFRFYWLDAYEDQYSQPGVVYLFGKVWIESADAYVSCCVSVKNIERTVYLLPRENRVQLSTGKDTGAPVSMM
HVYQEFNEAVAEKYKIMKFKSKKVDKDYAFEIPDVPASSEYLEVRYSADSPQLPQDLKGETFSHVFGTNTSSLELFLLSR
KIKGPSWLEIKSPQLSSQPMSWCKVEAVVTRPDQVSVVKDLAPPPVVVLSLSMKTVQNAKTHQNEIVAIAALVHHTFPLD
KAPPQPPFQTHFCVLSKLNDCIFPYDYNEAVKQKNANIEIALTERTLLGFFLAKIHKIDPDVIVGHDIYGFDLEVLLQRI
NSCKVPFWSKIGRLRRSVMPKLGGRSGFAERNAACGRIICDIEISAKELIRCKSYHLSELVHQILKAERVVIPPENIRNA
YNDSVHLLYMLENTWIDAKFILQIMCELNVLPLALQITNIAGNVMSRTLMGGRSERNEYLLLHAFTENNFIVPDKPVFKK
MQQTTVEDNDDMGTDQNKNKSRKKAAYAGGLVLEPKVGFYDKFILLLDFNSLYPSIIQEYNICFTTVHREAPSTQKGEDQ
DEIPELPHSDLEMGILPREIRKLVERRRHVKQLMKQPDLNPDLYLQYDIRQKALKLTANSMYGCLGFSYSRFYAKPLAAL
VTHQGREILLHTKEMVQKMNLEVIYGDTDSIMINTNCNNLEEVFKLGNRVKSEINKSYKLLEIDIDGIFKSLLLLKKKKY
AALTVEPTGDGKYVTKQELKGLDIVRRDWCELAKQAGNYVISQILSDQPRDSIVENIQKKLTEIGENVTNGTVPITQYEI
NKALTKDPQDYPDKKSLPHVHVALWINSQGGRKVKAGDTISYVICQDGSNLSASQRAYAQEQLQKQENLSIDTQYYLSQQ
VHPVVARICEPIDGIDSALIAMWLGLDPSQFRAHRHYQQDEENDALLGGPSQLTDEEKYRDCERFKFFCPKCGTENIYDN
VFDGSGLQIEPGLKRCSKPECDASPLDYVIQVHNKLLLDIRRYIKKYYSGWLVCEEKTCQNRTRRLPLSFSRNGPICQAC
SKATLRSEYPEKALYTQLCFYRFIFDWDYALEKVVSEQERGHLKKKLFQESENQYKKLKSTVDQVLSRSGYSEVNLSKLF
QTLNTIK
;
A
2 'polypeptide(L)'
;MLFSRDRKYRHNTRLTGDRKGDLYPSSLQFYQHPPTENISLIEFETFAIERLKLLKAVENLGVSYVKNSEEYSKKLELEL
RKLKFPYRPLHEEISDDVYDLRRKDHISHFILRLAYCQSEDLRRWFIQQEMDLFKFRFGLLTKESVQEFLKLNDLQYVAI
SEDEKNMHKEDLMNSSFGLSLTKMEDTEFYKVPFQAALDLVRPRKVFLWRGFAFIPHKDIVSIVLNDFRAKLSKALALSA
RSLPVVQSDERLQPLLNHLSHSYIGQDFSSQSNTGKISLEQIDGFAAKSFPLCMRQLHKSLRENHHLRHGGRMQYGLFLK
GIGLTLEQALQFWRLEFTKGKVDSEKFDKVYAYSIRHNYGKEGKRTDYTPYSCMKVILSNPPSQGDYHGCPFRHSDPELL
KQKLQSFKVPSSGINQILELVKGMHYQLACQKYFELTHSVDDCGFSLNHPNQYFAESQKLLTGSREIKKEQTARDSPAVT
ASQLSSSSSSASIPKSQSSAPEMEDLEQIFSEY
;
B
3 'polydeoxyribonucleotide'
;(DT)(DG)(DT)(DA)(DT)(DG)(DT)(DA)(DT)(DG)(DT)(DA)(DT)(DG)(DT)(DC)(DG)(DC)(DT)(DA)
(DA)(DG)(DT)(DT)(DC)(DA)(DC)(DG)(DC)(DA)(DG)(DT)(DA)(DT)(DC)(DC)(DT)(DG)(DT)(DA)
(DT)(DG)(DT)(DA)(DT)(DG)(DT)(DA)(DT)(DG)
;
C
4 'polyribonucleotide' (GTP)GAUACUG(DOC) D
#
# COMPACT_ATOMS: atom_id res chain seq x y z
N GLN A 8 -49.18 -6.70 -0.83
CA GLN A 8 -48.77 -5.54 -0.05
C GLN A 8 -47.32 -5.68 0.40
N VAL A 9 -46.97 -6.87 0.92
CA VAL A 9 -45.60 -7.10 1.36
C VAL A 9 -44.67 -6.97 0.16
N PHE A 10 -43.72 -6.04 0.26
CA PHE A 10 -42.77 -5.77 -0.81
C PHE A 10 -41.50 -6.57 -0.55
N ARG A 11 -41.23 -7.56 -1.40
CA ARG A 11 -40.04 -8.39 -1.29
C ARG A 11 -39.09 -8.03 -2.40
N PHE A 12 -37.91 -7.50 -2.06
CA PHE A 12 -36.98 -7.04 -3.07
C PHE A 12 -35.54 -7.29 -2.64
N TYR A 13 -34.67 -7.45 -3.62
CA TYR A 13 -33.25 -7.74 -3.37
C TYR A 13 -32.48 -6.43 -3.45
N TRP A 14 -31.78 -6.10 -2.38
CA TRP A 14 -31.11 -4.80 -2.29
C TRP A 14 -29.63 -4.94 -2.61
N LEU A 15 -29.12 -3.99 -3.39
CA LEU A 15 -27.75 -4.02 -3.89
C LEU A 15 -26.90 -2.85 -3.44
N ASP A 16 -27.49 -1.66 -3.28
CA ASP A 16 -26.73 -0.48 -2.91
C ASP A 16 -27.59 0.44 -2.05
N ALA A 17 -26.93 1.26 -1.25
CA ALA A 17 -27.60 2.22 -0.38
C ALA A 17 -26.87 3.55 -0.43
N TYR A 18 -27.63 4.64 -0.49
CA TYR A 18 -27.07 5.98 -0.61
C TYR A 18 -27.77 6.91 0.36
N GLU A 19 -26.99 7.72 1.08
CA GLU A 19 -27.51 8.70 2.02
C GLU A 19 -26.80 10.02 1.81
N ASP A 20 -27.53 11.11 2.04
CA ASP A 20 -26.99 12.46 2.01
C ASP A 20 -27.18 13.07 3.38
N GLN A 21 -26.07 13.22 4.12
CA GLN A 21 -26.14 13.67 5.50
C GLN A 21 -26.57 15.12 5.63
N TYR A 22 -26.44 15.91 4.56
CA TYR A 22 -26.69 17.34 4.62
C TYR A 22 -28.04 17.74 4.02
N SER A 23 -28.47 17.08 2.96
CA SER A 23 -29.71 17.48 2.29
C SER A 23 -30.94 16.93 2.99
N GLN A 24 -31.06 15.61 3.05
CA GLN A 24 -32.23 14.96 3.65
C GLN A 24 -31.79 14.22 4.91
N PRO A 25 -32.11 14.72 6.11
CA PRO A 25 -31.65 14.04 7.33
C PRO A 25 -32.57 12.87 7.68
N GLY A 26 -31.97 11.70 7.90
CA GLY A 26 -32.72 10.54 8.32
C GLY A 26 -33.36 9.76 7.19
N VAL A 27 -32.88 9.91 5.96
CA VAL A 27 -33.41 9.21 4.80
C VAL A 27 -32.31 8.37 4.19
N VAL A 28 -32.60 7.10 3.97
CA VAL A 28 -31.67 6.17 3.34
C VAL A 28 -32.32 5.61 2.09
N TYR A 29 -31.62 5.72 0.96
CA TYR A 29 -32.14 5.31 -0.34
C TYR A 29 -31.53 3.96 -0.70
N LEU A 30 -32.28 2.88 -0.47
CA LEU A 30 -31.86 1.56 -0.91
C LEU A 30 -32.31 1.36 -2.36
N PHE A 31 -31.47 0.69 -3.14
CA PHE A 31 -31.76 0.39 -4.53
C PHE A 31 -31.61 -1.11 -4.75
N GLY A 32 -32.32 -1.61 -5.76
CA GLY A 32 -32.23 -3.04 -6.03
C GLY A 32 -33.17 -3.54 -7.10
N LYS A 33 -33.54 -4.81 -7.02
CA LYS A 33 -34.37 -5.46 -8.01
C LYS A 33 -35.63 -6.02 -7.37
N VAL A 34 -36.74 -5.93 -8.11
CA VAL A 34 -38.02 -6.47 -7.70
C VAL A 34 -38.61 -7.25 -8.87
N TRP A 35 -39.44 -8.25 -8.55
CA TRP A 35 -40.01 -9.17 -9.52
C TRP A 35 -41.38 -8.66 -9.95
N ILE A 36 -41.60 -8.58 -11.26
CA ILE A 36 -42.87 -8.15 -11.83
C ILE A 36 -43.40 -9.27 -12.71
N GLU A 37 -44.64 -9.70 -12.44
CA GLU A 37 -45.27 -10.76 -13.21
C GLU A 37 -45.78 -10.26 -14.55
N SER A 38 -46.24 -9.01 -14.64
CA SER A 38 -46.76 -8.50 -15.89
C SER A 38 -45.71 -8.61 -17.00
N ALA A 39 -44.49 -8.16 -16.71
CA ALA A 39 -43.36 -8.37 -17.61
C ALA A 39 -42.63 -9.67 -17.31
N ASP A 40 -42.98 -10.36 -16.24
CA ASP A 40 -42.38 -11.65 -15.90
C ASP A 40 -40.85 -11.53 -15.87
N ALA A 41 -40.36 -10.49 -15.20
CA ALA A 41 -38.94 -10.20 -15.20
C ALA A 41 -38.58 -9.44 -13.93
N TYR A 42 -37.37 -8.90 -13.90
CA TYR A 42 -36.84 -8.14 -12.77
C TYR A 42 -36.62 -6.70 -13.19
N VAL A 43 -37.10 -5.77 -12.38
CA VAL A 43 -36.98 -4.35 -12.68
C VAL A 43 -36.35 -3.62 -11.51
N SER A 44 -35.77 -2.45 -11.80
CA SER A 44 -35.08 -1.68 -10.78
C SER A 44 -36.09 -1.03 -9.83
N CYS A 45 -35.72 -0.98 -8.55
CA CYS A 45 -36.57 -0.44 -7.51
C CYS A 45 -35.75 0.42 -6.57
N CYS A 46 -36.39 1.47 -6.05
CA CYS A 46 -35.76 2.40 -5.12
C CYS A 46 -36.69 2.59 -3.94
N VAL A 47 -36.25 2.17 -2.76
CA VAL A 47 -37.01 2.28 -1.53
C VAL A 47 -36.36 3.31 -0.63
N SER A 48 -37.15 4.25 -0.14
CA SER A 48 -36.65 5.34 0.70
C SER A 48 -37.10 5.09 2.14
N VAL A 49 -36.16 4.65 2.98
CA VAL A 49 -36.43 4.49 4.40
C VAL A 49 -36.32 5.84 5.07
N LYS A 50 -37.38 6.24 5.78
CA LYS A 50 -37.49 7.56 6.36
C LYS A 50 -37.55 7.46 7.88
N ASN A 51 -37.18 8.56 8.54
CA ASN A 51 -37.27 8.68 9.99
C ASN A 51 -36.40 7.62 10.68
N ILE A 52 -35.10 7.67 10.41
CA ILE A 52 -34.13 6.86 11.13
C ILE A 52 -33.64 7.73 12.29
N GLU A 53 -34.32 7.60 13.42
CA GLU A 53 -34.09 8.50 14.54
C GLU A 53 -32.69 8.33 15.12
N ARG A 54 -32.07 9.45 15.48
CA ARG A 54 -30.81 9.41 16.21
C ARG A 54 -30.99 8.71 17.54
N THR A 55 -30.02 7.86 17.88
CA THR A 55 -29.99 7.18 19.17
C THR A 55 -28.67 7.51 19.86
N VAL A 56 -28.75 7.97 21.11
CA VAL A 56 -27.57 8.29 21.90
C VAL A 56 -27.67 7.60 23.25
N TYR A 57 -26.52 7.32 23.84
CA TYR A 57 -26.44 6.61 25.12
C TYR A 57 -25.73 7.48 26.14
N LEU A 58 -26.37 7.69 27.28
CA LEU A 58 -25.82 8.50 28.36
C LEU A 58 -25.36 7.57 29.48
N LEU A 59 -24.13 7.81 29.98
CA LEU A 59 -23.54 6.97 31.00
C LEU A 59 -23.67 7.63 32.36
N PRO A 60 -24.44 7.08 33.30
CA PRO A 60 -24.60 7.73 34.60
C PRO A 60 -23.31 7.76 35.40
N ARG A 61 -23.21 8.74 36.28
CA ARG A 61 -22.11 8.84 37.24
C ARG A 61 -22.44 8.06 38.51
N GLU A 62 -21.40 7.67 39.24
CA GLU A 62 -21.60 6.97 40.50
C GLU A 62 -22.02 7.92 41.62
N ASN A 63 -21.52 9.15 41.60
CA ASN A 63 -21.88 10.16 42.59
C ASN A 63 -22.12 11.48 41.89
N ARG A 64 -23.16 12.19 42.33
CA ARG A 64 -23.47 13.48 41.73
C ARG A 64 -22.29 14.43 41.86
N VAL A 65 -22.01 15.16 40.77
CA VAL A 65 -20.92 16.13 40.72
C VAL A 65 -21.53 17.47 40.36
N GLN A 66 -21.18 18.51 41.11
CA GLN A 66 -21.76 19.83 40.91
C GLN A 66 -21.18 20.47 39.66
N LEU A 67 -21.58 19.98 38.48
CA LEU A 67 -21.13 20.52 37.21
C LEU A 67 -19.62 20.61 37.15
N SER A 68 -18.95 19.61 37.71
CA SER A 68 -17.50 19.52 37.72
C SER A 68 -16.85 20.69 38.45
N THR A 69 -17.60 21.41 39.27
CA THR A 69 -17.07 22.53 40.05
C THR A 69 -16.78 22.12 41.49
N GLY A 70 -17.77 21.61 42.19
CA GLY A 70 -17.60 21.10 43.54
C GLY A 70 -17.14 19.67 43.63
N LYS A 71 -16.91 19.02 42.50
CA LYS A 71 -16.43 17.63 42.47
C LYS A 71 -17.49 16.75 43.15
N ASP A 72 -17.08 15.60 43.68
CA ASP A 72 -18.03 14.64 44.23
C ASP A 72 -18.84 15.28 45.34
N THR A 73 -20.16 15.03 45.31
CA THR A 73 -21.07 15.54 46.34
C THR A 73 -21.61 14.45 47.24
N GLY A 74 -21.62 13.19 46.80
CA GLY A 74 -22.04 12.07 47.62
C GLY A 74 -23.45 11.58 47.36
N ALA A 75 -24.22 12.28 46.52
CA ALA A 75 -25.59 11.88 46.26
C ALA A 75 -25.61 10.75 45.23
N PRO A 76 -26.17 9.58 45.56
CA PRO A 76 -26.27 8.52 44.54
C PRO A 76 -27.15 8.95 43.38
N VAL A 77 -26.83 8.43 42.20
CA VAL A 77 -27.51 8.79 40.96
C VAL A 77 -28.23 7.55 40.43
N SER A 78 -29.49 7.73 40.07
CA SER A 78 -30.28 6.68 39.43
C SER A 78 -30.71 7.17 38.04
N MET A 79 -31.30 6.25 37.27
CA MET A 79 -31.69 6.59 35.91
C MET A 79 -32.68 7.75 35.89
N MET A 80 -33.51 7.85 36.93
CA MET A 80 -34.45 8.96 37.00
C MET A 80 -33.73 10.29 37.04
N HIS A 81 -32.63 10.38 37.79
CA HIS A 81 -31.86 11.61 37.85
C HIS A 81 -31.31 11.98 36.47
N VAL A 82 -30.78 11.00 35.74
CA VAL A 82 -30.23 11.29 34.42
C VAL A 82 -31.32 11.75 33.48
N TYR A 83 -32.47 11.08 33.51
CA TYR A 83 -33.58 11.49 32.64
C TYR A 83 -34.04 12.90 32.97
N GLN A 84 -34.15 13.22 34.27
CA GLN A 84 -34.59 14.56 34.65
C GLN A 84 -33.58 15.60 34.20
N GLU A 85 -32.29 15.32 34.37
CA GLU A 85 -31.28 16.28 33.93
C GLU A 85 -31.35 16.50 32.43
N PHE A 86 -31.54 15.43 31.65
CA PHE A 86 -31.64 15.59 30.21
C PHE A 86 -32.89 16.36 29.82
N ASN A 87 -34.01 16.09 30.51
CA ASN A 87 -35.28 16.73 30.15
C ASN A 87 -35.28 18.21 30.51
N GLU A 88 -34.59 18.58 31.60
CA GLU A 88 -34.64 19.95 32.08
C GLU A 88 -33.58 20.84 31.43
N ALA A 89 -32.32 20.43 31.49
CA ALA A 89 -31.21 21.30 31.07
C ALA A 89 -30.81 21.07 29.62
N VAL A 90 -30.40 19.83 29.29
CA VAL A 90 -29.79 19.56 27.99
C VAL A 90 -30.80 19.83 26.87
N ALA A 91 -32.02 19.32 27.03
CA ALA A 91 -33.00 19.42 25.95
C ALA A 91 -33.29 20.87 25.59
N GLU A 92 -33.55 21.70 26.60
CA GLU A 92 -33.81 23.10 26.34
C GLU A 92 -32.58 23.80 25.77
N LYS A 93 -31.40 23.48 26.29
CA LYS A 93 -30.19 24.16 25.86
C LYS A 93 -29.90 23.91 24.39
N TYR A 94 -30.07 22.67 23.93
CA TYR A 94 -29.70 22.29 22.57
C TYR A 94 -30.89 22.25 21.61
N LYS A 95 -32.05 22.75 22.03
CA LYS A 95 -33.21 22.85 21.15
C LYS A 95 -33.61 21.48 20.60
N ILE A 96 -34.01 20.59 21.51
CA ILE A 96 -34.59 19.30 21.17
C ILE A 96 -36.03 19.32 21.68
N MET A 97 -36.97 19.13 20.77
CA MET A 97 -38.39 19.28 21.11
C MET A 97 -38.96 17.99 21.70
N LYS A 98 -38.92 16.91 20.94
CA LYS A 98 -39.55 15.66 21.31
C LYS A 98 -38.54 14.52 21.26
N PHE A 99 -38.58 13.65 22.27
CA PHE A 99 -37.68 12.50 22.32
C PHE A 99 -38.29 11.43 23.19
N LYS A 100 -37.81 10.20 23.00
CA LYS A 100 -38.25 9.05 23.79
C LYS A 100 -37.04 8.40 24.44
N SER A 101 -37.12 8.19 25.75
CA SER A 101 -35.98 7.72 26.52
C SER A 101 -36.33 6.43 27.25
N LYS A 102 -35.35 5.53 27.34
CA LYS A 102 -35.50 4.29 28.10
C LYS A 102 -34.16 3.94 28.73
N LYS A 103 -34.13 2.82 29.45
CA LYS A 103 -32.94 2.34 30.12
C LYS A 103 -32.50 1.02 29.49
N VAL A 104 -31.19 0.87 29.27
CA VAL A 104 -30.65 -0.34 28.65
C VAL A 104 -29.35 -0.72 29.36
N ASP A 105 -29.20 -2.00 29.69
CA ASP A 105 -27.98 -2.51 30.27
C ASP A 105 -27.05 -2.97 29.17
N LYS A 106 -25.90 -2.31 29.04
CA LYS A 106 -25.01 -2.54 27.92
C LYS A 106 -23.58 -2.74 28.40
N ASP A 107 -22.83 -3.56 27.67
CA ASP A 107 -21.44 -3.83 27.96
C ASP A 107 -20.54 -2.90 27.14
N TYR A 108 -19.27 -2.84 27.53
CA TYR A 108 -18.33 -1.94 26.86
C TYR A 108 -16.89 -2.27 27.21
N ALA A 109 -16.03 -2.41 26.20
CA ALA A 109 -14.60 -2.63 26.43
C ALA A 109 -13.85 -2.02 25.24
N PHE A 110 -13.42 -0.78 25.39
CA PHE A 110 -12.69 -0.07 24.34
C PHE A 110 -11.76 0.93 25.00
N GLU A 111 -11.32 1.93 24.23
CA GLU A 111 -10.19 2.78 24.61
C GLU A 111 -10.63 4.13 25.20
N ILE A 112 -11.72 4.15 25.95
CA ILE A 112 -12.15 5.34 26.69
C ILE A 112 -12.08 5.00 28.17
N PRO A 113 -11.28 5.68 28.98
CA PRO A 113 -11.13 5.29 30.38
C PRO A 113 -12.31 5.74 31.22
N ASP A 114 -12.46 5.09 32.37
CA ASP A 114 -13.49 5.36 33.37
C ASP A 114 -14.85 4.81 32.95
N VAL A 115 -14.94 4.07 31.87
CA VAL A 115 -16.19 3.47 31.40
C VAL A 115 -16.20 2.01 31.84
N PRO A 116 -17.13 1.60 32.70
CA PRO A 116 -17.08 0.22 33.22
C PRO A 116 -17.44 -0.80 32.15
N ALA A 117 -17.21 -2.07 32.51
CA ALA A 117 -17.47 -3.14 31.56
C ALA A 117 -18.95 -3.22 31.20
N SER A 118 -19.82 -3.27 32.20
CA SER A 118 -21.26 -3.40 32.00
C SER A 118 -21.97 -2.38 32.86
N SER A 119 -22.73 -1.48 32.22
CA SER A 119 -23.38 -0.39 32.93
C SER A 119 -24.77 -0.16 32.38
N GLU A 120 -25.59 0.53 33.18
CA GLU A 120 -26.97 0.83 32.83
C GLU A 120 -27.00 2.21 32.17
N TYR A 121 -27.01 2.24 30.85
CA TYR A 121 -27.05 3.48 30.11
C TYR A 121 -28.49 3.93 29.90
N LEU A 122 -28.66 5.23 29.65
CA LEU A 122 -29.96 5.79 29.29
C LEU A 122 -29.95 6.04 27.78
N GLU A 123 -30.85 5.40 27.06
CA GLU A 123 -30.93 5.48 25.61
C GLU A 123 -31.98 6.50 25.23
N VAL A 124 -31.56 7.54 24.49
CA VAL A 124 -32.44 8.60 24.02
C VAL A 124 -32.57 8.48 22.52
N ARG A 125 -33.80 8.45 22.03
CA ARG A 125 -34.10 8.37 20.61
C ARG A 125 -34.87 9.62 20.22
N TYR A 126 -34.33 10.37 19.27
CA TYR A 126 -34.98 11.60 18.83
C TYR A 126 -34.67 11.85 17.36
N SER A 127 -35.59 12.55 16.69
CA SER A 127 -35.53 12.70 15.24
C SER A 127 -34.19 13.25 14.78
N ALA A 128 -33.86 13.05 13.50
CA ALA A 128 -32.60 13.52 12.96
C ALA A 128 -32.66 14.97 12.50
N ASP A 129 -33.84 15.59 12.49
CA ASP A 129 -33.94 16.99 12.11
C ASP A 129 -33.45 17.92 13.21
N SER A 130 -33.50 17.47 14.46
CA SER A 130 -33.03 18.29 15.57
C SER A 130 -31.51 18.40 15.54
N PRO A 131 -30.95 19.40 16.22
CA PRO A 131 -29.49 19.55 16.25
C PRO A 131 -28.83 18.31 16.85
N GLN A 132 -27.50 18.30 16.76
CA GLN A 132 -26.68 17.16 17.18
C GLN A 132 -25.91 17.52 18.44
N LEU A 133 -26.02 16.69 19.47
CA LEU A 133 -25.36 16.97 20.73
C LEU A 133 -23.84 16.86 20.56
N PRO A 134 -23.07 17.63 21.35
CA PRO A 134 -21.61 17.53 21.24
C PRO A 134 -21.10 16.23 21.82
N GLN A 135 -19.93 15.81 21.32
CA GLN A 135 -19.34 14.54 21.77
C GLN A 135 -18.94 14.61 23.24
N ASP A 136 -18.34 15.72 23.67
CA ASP A 136 -17.81 15.86 25.01
C ASP A 136 -18.84 16.42 25.99
N LEU A 137 -20.11 16.43 25.63
CA LEU A 137 -21.14 16.96 26.50
C LEU A 137 -21.15 16.21 27.83
N LYS A 138 -20.87 16.93 28.91
CA LYS A 138 -20.88 16.40 30.26
C LYS A 138 -21.80 17.25 31.12
N GLY A 139 -22.69 16.60 31.85
CA GLY A 139 -23.63 17.31 32.70
C GLY A 139 -23.29 17.19 34.18
N GLU A 140 -24.29 16.85 34.99
CA GLU A 140 -24.10 16.66 36.42
C GLU A 140 -24.41 15.25 36.89
N THR A 141 -25.11 14.45 36.09
CA THR A 141 -25.40 13.06 36.44
C THR A 141 -24.82 12.06 35.46
N PHE A 142 -24.51 12.46 34.24
CA PHE A 142 -23.93 11.59 33.23
C PHE A 142 -22.52 12.05 32.89
N SER A 143 -21.62 11.10 32.69
CA SER A 143 -20.21 11.39 32.45
C SER A 143 -19.80 11.29 31.00
N HIS A 144 -20.63 10.70 30.14
CA HIS A 144 -20.26 10.56 28.74
C HIS A 144 -21.49 10.25 27.90
N VAL A 145 -21.43 10.67 26.64
CA VAL A 145 -22.48 10.44 25.67
C VAL A 145 -21.88 9.73 24.46
N PHE A 146 -22.51 8.62 24.06
CA PHE A 146 -22.06 7.81 22.95
C PHE A 146 -23.08 7.85 21.82
N GLY A 147 -22.59 7.84 20.58
CA GLY A 147 -23.45 7.78 19.42
C GLY A 147 -23.92 9.12 18.92
N THR A 148 -23.23 10.21 19.25
CA THR A 148 -23.71 11.53 18.84
C THR A 148 -23.63 11.71 17.33
N ASN A 149 -22.57 11.21 16.70
CA ASN A 149 -22.31 11.44 15.28
C ASN A 149 -22.49 10.18 14.44
N THR A 150 -23.20 9.17 14.97
CA THR A 150 -23.46 7.98 14.18
C THR A 150 -24.27 8.33 12.93
N SER A 151 -23.87 7.74 11.81
CA SER A 151 -24.55 8.02 10.55
C SER A 151 -25.89 7.31 10.49
N SER A 152 -26.72 7.73 9.54
CA SER A 152 -28.05 7.14 9.40
C SER A 152 -27.97 5.73 8.82
N LEU A 153 -27.13 5.54 7.79
CA LEU A 153 -27.02 4.22 7.17
C LEU A 153 -26.49 3.20 8.15
N GLU A 154 -25.49 3.59 8.95
CA GLU A 154 -24.95 2.67 9.94
C GLU A 154 -26.03 2.27 10.94
N LEU A 155 -26.80 3.24 11.42
CA LEU A 155 -27.86 2.94 12.37
C LEU A 155 -28.87 1.97 11.75
N PHE A 156 -29.29 2.24 10.52
CA PHE A 156 -30.26 1.36 9.87
C PHE A 156 -29.71 -0.06 9.76
N LEU A 157 -28.51 -0.20 9.20
CA LEU A 157 -27.97 -1.53 8.95
C LEU A 157 -27.75 -2.29 10.24
N LEU A 158 -27.24 -1.62 11.28
CA LEU A 158 -26.95 -2.33 12.52
C LEU A 158 -28.23 -2.67 13.27
N SER A 159 -29.21 -1.75 13.31
CA SER A 159 -30.45 -2.02 14.02
C SER A 159 -31.23 -3.14 13.36
N ARG A 160 -31.30 -3.15 12.03
CA ARG A 160 -32.07 -4.15 11.31
C ARG A 160 -31.27 -5.40 10.98
N LYS A 161 -30.03 -5.49 11.47
CA LYS A 161 -29.22 -6.70 11.29
C LYS A 161 -29.11 -7.07 9.81
N ILE A 162 -28.91 -6.07 8.97
CA ILE A 162 -28.73 -6.28 7.53
C ILE A 162 -27.24 -6.38 7.24
N LYS A 163 -26.84 -7.47 6.58
CA LYS A 163 -25.44 -7.71 6.26
C LYS A 163 -25.33 -8.01 4.77
N GLY A 164 -24.85 -7.04 4.00
CA GLY A 164 -24.59 -7.22 2.60
C GLY A 164 -25.87 -7.33 1.79
N PRO A 165 -25.73 -7.45 0.47
CA PRO A 165 -26.92 -7.60 -0.38
C PRO A 165 -27.72 -8.83 0.02
N SER A 166 -29.03 -8.70 0.00
CA SER A 166 -29.91 -9.78 0.43
C SER A 166 -31.35 -9.41 0.09
N TRP A 167 -32.27 -10.31 0.46
CA TRP A 167 -33.69 -10.13 0.23
C TRP A 167 -34.31 -9.48 1.46
N LEU A 168 -35.03 -8.38 1.24
CA LEU A 168 -35.71 -7.66 2.30
C LEU A 168 -37.21 -7.62 2.04
N GLU A 169 -37.97 -7.78 3.11
CA GLU A 169 -39.42 -7.67 3.10
C GLU A 169 -39.83 -6.39 3.81
N ILE A 170 -40.76 -5.66 3.20
CA ILE A 170 -41.30 -4.43 3.72
C ILE A 170 -42.79 -4.62 3.94
N LYS A 171 -43.27 -4.29 5.14
CA LYS A 171 -44.68 -4.39 5.48
C LYS A 171 -45.34 -3.02 5.32
N SER A 172 -46.45 -2.99 4.59
CA SER A 172 -47.23 -1.78 4.39
C SER A 172 -46.39 -0.69 3.73
N PRO A 173 -45.93 -0.90 2.50
CA PRO A 173 -45.24 0.17 1.78
C PRO A 173 -46.22 1.25 1.33
N GLN A 174 -45.67 2.42 1.04
CA GLN A 174 -46.45 3.56 0.57
C GLN A 174 -45.86 4.07 -0.74
N LEU A 175 -46.72 4.64 -1.58
CA LEU A 175 -46.28 5.19 -2.84
C LEU A 175 -45.57 6.51 -2.62
N SER A 176 -45.21 7.18 -3.72
CA SER A 176 -44.51 8.44 -3.68
C SER A 176 -45.40 9.55 -4.23
N SER A 177 -45.47 10.67 -3.52
CA SER A 177 -46.27 11.79 -3.99
C SER A 177 -45.79 12.30 -5.34
N GLN A 178 -44.47 12.42 -5.50
CA GLN A 178 -43.84 12.81 -6.74
C GLN A 178 -42.69 11.85 -7.03
N PRO A 179 -42.31 11.70 -8.29
CA PRO A 179 -41.18 10.81 -8.61
C PRO A 179 -39.92 11.27 -7.89
N MET A 180 -39.15 10.29 -7.40
CA MET A 180 -37.91 10.57 -6.68
C MET A 180 -36.72 9.81 -7.24
N SER A 181 -36.90 8.93 -8.22
CA SER A 181 -35.80 8.15 -8.76
C SER A 181 -36.09 7.84 -10.22
N TRP A 182 -35.05 7.41 -10.92
CA TRP A 182 -35.16 7.04 -12.32
C TRP A 182 -35.51 5.57 -12.52
N CYS A 183 -35.78 4.85 -11.44
CA CYS A 183 -36.12 3.43 -11.55
C CYS A 183 -37.55 3.28 -12.05
N LYS A 184 -38.02 2.04 -12.09
CA LYS A 184 -39.35 1.72 -12.58
C LYS A 184 -40.36 1.46 -11.48
N VAL A 185 -39.90 1.12 -10.27
CA VAL A 185 -40.77 0.89 -9.13
C VAL A 185 -40.21 1.66 -7.94
N GLU A 186 -41.09 2.29 -7.18
CA GLU A 186 -40.70 3.08 -6.02
C GLU A 186 -41.60 2.73 -4.83
N ALA A 187 -41.05 2.90 -3.63
CA ALA A 187 -41.80 2.70 -2.40
C ALA A 187 -41.17 3.55 -1.31
N VAL A 188 -41.96 3.83 -0.29
CA VAL A 188 -41.52 4.64 0.85
C VAL A 188 -41.89 3.90 2.14
N VAL A 189 -40.91 3.75 3.03
CA VAL A 189 -41.13 3.15 4.34
C VAL A 189 -41.06 4.27 5.38
N THR A 190 -42.12 4.41 6.15
CA THR A 190 -42.19 5.50 7.13
C THR A 190 -41.46 5.19 8.43
N ARG A 191 -41.04 3.95 8.64
CA ARG A 191 -40.29 3.56 9.82
C ARG A 191 -39.22 2.56 9.40
N PRO A 192 -38.14 2.43 10.18
CA PRO A 192 -37.15 1.40 9.87
C PRO A 192 -37.54 0.02 10.36
N ASP A 193 -38.46 -0.08 11.32
CA ASP A 193 -38.88 -1.37 11.83
C ASP A 193 -39.70 -2.17 10.83
N GLN A 194 -40.15 -1.54 9.74
CA GLN A 194 -40.95 -2.23 8.74
C GLN A 194 -40.11 -3.06 7.77
N VAL A 195 -38.79 -2.89 7.77
CA VAL A 195 -37.90 -3.62 6.87
C VAL A 195 -37.28 -4.77 7.64
N SER A 196 -37.33 -5.96 7.06
CA SER A 196 -36.72 -7.14 7.66
C SER A 196 -36.00 -7.93 6.57
N VAL A 197 -35.09 -8.81 7.00
CA VAL A 197 -34.28 -9.61 6.09
C VAL A 197 -34.83 -11.02 6.06
N VAL A 198 -35.00 -11.57 4.85
CA VAL A 198 -35.49 -12.93 4.68
C VAL A 198 -34.34 -13.77 4.12
N LYS A 199 -34.01 -14.85 4.80
CA LYS A 199 -32.84 -15.65 4.47
C LYS A 199 -33.20 -16.80 3.54
N ASP A 200 -32.16 -17.46 3.04
CA ASP A 200 -32.31 -18.66 2.21
C ASP A 200 -33.12 -18.38 0.95
N LEU A 201 -32.57 -17.52 0.11
CA LEU A 201 -33.13 -17.29 -1.22
C LEU A 201 -31.98 -16.98 -2.17
N ALA A 202 -32.17 -17.34 -3.43
CA ALA A 202 -31.13 -17.16 -4.43
C ALA A 202 -31.02 -15.71 -4.87
N PRO A 203 -29.81 -15.23 -5.16
CA PRO A 203 -29.68 -13.88 -5.71
C PRO A 203 -30.33 -13.80 -7.09
N PRO A 204 -30.85 -12.64 -7.46
CA PRO A 204 -31.45 -12.49 -8.79
C PRO A 204 -30.40 -12.02 -9.79
N PRO A 205 -30.66 -12.18 -11.08
CA PRO A 205 -29.76 -11.63 -12.08
C PRO A 205 -29.73 -10.11 -12.03
N VAL A 206 -28.57 -9.55 -12.40
CA VAL A 206 -28.35 -8.11 -12.36
C VAL A 206 -27.76 -7.68 -13.69
N VAL A 207 -28.28 -6.58 -14.24
CA VAL A 207 -27.77 -6.05 -15.49
C VAL A 207 -26.37 -5.51 -15.29
N VAL A 208 -25.55 -5.61 -16.34
CA VAL A 208 -24.17 -5.15 -16.30
C VAL A 208 -23.86 -4.43 -17.60
N LEU A 209 -23.18 -3.30 -17.50
CA LEU A 209 -22.79 -2.49 -18.65
C LEU A 209 -21.31 -2.19 -18.56
N SER A 210 -20.54 -2.65 -19.53
CA SER A 210 -19.11 -2.38 -19.61
C SER A 210 -18.90 -1.31 -20.66
N LEU A 211 -18.29 -0.19 -20.25
CA LEU A 211 -18.19 0.97 -21.13
C LEU A 211 -16.74 1.37 -21.35
N SER A 212 -16.43 1.77 -22.58
CA SER A 212 -15.11 2.25 -22.96
C SER A 212 -15.26 3.54 -23.75
N MET A 213 -14.49 4.55 -23.37
CA MET A 213 -14.54 5.86 -24.00
C MET A 213 -13.23 6.17 -24.71
N LYS A 214 -13.32 6.90 -25.81
CA LYS A 214 -12.17 7.39 -26.55
C LYS A 214 -12.34 8.89 -26.73
N THR A 215 -11.35 9.65 -26.27
CA THR A 215 -11.43 11.10 -26.17
C THR A 215 -10.25 11.74 -26.90
N VAL A 216 -10.21 13.07 -26.84
CA VAL A 216 -9.14 13.85 -27.46
C VAL A 216 -8.95 15.11 -26.63
N GLN A 217 -7.68 15.50 -26.45
CA GLN A 217 -7.34 16.65 -25.63
C GLN A 217 -7.28 17.89 -26.51
N ASN A 218 -8.25 18.78 -26.35
CA ASN A 218 -8.24 20.08 -27.02
C ASN A 218 -7.24 20.97 -26.31
N ALA A 219 -6.16 21.33 -27.01
CA ALA A 219 -5.05 22.01 -26.34
C ALA A 219 -5.47 23.34 -25.74
N LYS A 220 -6.27 24.11 -26.48
CA LYS A 220 -6.63 25.45 -26.02
C LYS A 220 -7.22 25.42 -24.62
N THR A 221 -8.21 24.56 -24.39
CA THR A 221 -8.83 24.44 -23.08
C THR A 221 -8.15 23.41 -22.19
N HIS A 222 -7.19 22.65 -22.72
CA HIS A 222 -6.52 21.60 -21.95
C HIS A 222 -7.53 20.65 -21.31
N GLN A 223 -8.72 20.56 -21.91
CA GLN A 223 -9.80 19.72 -21.42
C GLN A 223 -10.04 18.57 -22.38
N ASN A 224 -10.34 17.40 -21.83
CA ASN A 224 -10.53 16.21 -22.64
C ASN A 224 -11.95 16.18 -23.22
N GLU A 225 -12.05 15.98 -24.53
CA GLU A 225 -13.32 15.97 -25.23
C GLU A 225 -13.63 14.55 -25.71
N ILE A 226 -14.85 14.11 -25.49
CA ILE A 226 -15.26 12.76 -25.86
C ILE A 226 -15.59 12.73 -27.34
N VAL A 227 -15.07 11.72 -28.04
CA VAL A 227 -15.38 11.53 -29.45
C VAL A 227 -16.02 10.17 -29.73
N ALA A 228 -15.82 9.15 -28.91
CA ALA A 228 -16.47 7.87 -29.15
C ALA A 228 -16.75 7.20 -27.81
N ILE A 229 -17.88 6.49 -27.74
CA ILE A 229 -18.21 5.66 -26.58
C ILE A 229 -18.77 4.35 -27.08
N ALA A 230 -18.40 3.26 -26.42
CA ALA A 230 -18.93 1.94 -26.73
C ALA A 230 -19.34 1.26 -25.42
N ALA A 231 -20.40 0.47 -25.49
CA ALA A 231 -20.89 -0.22 -24.31
C ALA A 231 -21.42 -1.60 -24.67
N LEU A 232 -21.12 -2.56 -23.80
CA LEU A 232 -21.64 -3.93 -23.90
C LEU A 232 -22.54 -4.18 -22.71
N VAL A 233 -23.73 -4.72 -22.95
CA VAL A 233 -24.76 -4.85 -21.92
C VAL A 233 -25.21 -6.29 -21.85
N HIS A 234 -25.29 -6.82 -20.63
CA HIS A 234 -25.87 -8.12 -20.35
C HIS A 234 -27.00 -7.95 -19.35
N HIS A 235 -28.17 -8.52 -19.66
CA HIS A 235 -29.36 -8.31 -18.86
C HIS A 235 -29.61 -9.40 -17.83
N THR A 236 -28.82 -10.47 -17.81
CA THR A 236 -29.04 -11.58 -16.88
C THR A 236 -27.71 -12.08 -16.33
N PHE A 237 -26.83 -11.17 -15.95
CA PHE A 237 -25.55 -11.57 -15.38
C PHE A 237 -25.77 -12.14 -13.98
N PRO A 238 -25.29 -13.35 -13.68
CA PRO A 238 -25.54 -13.94 -12.37
C PRO A 238 -24.55 -13.46 -11.32
N LEU A 239 -24.98 -13.54 -10.07
CA LEU A 239 -24.15 -13.17 -8.93
C LEU A 239 -23.70 -14.37 -8.11
N ASP A 240 -24.11 -15.59 -8.48
CA ASP A 240 -23.74 -16.78 -7.73
C ASP A 240 -23.35 -17.95 -8.62
N LYS A 241 -23.29 -17.75 -9.94
CA LYS A 241 -22.93 -18.81 -10.89
C LYS A 241 -21.78 -18.31 -11.76
N ALA A 242 -21.29 -19.19 -12.62
CA ALA A 242 -20.19 -18.84 -13.49
C ALA A 242 -20.64 -17.79 -14.50
N PRO A 243 -19.70 -17.02 -15.05
CA PRO A 243 -20.09 -15.98 -15.99
C PRO A 243 -20.77 -16.59 -17.21
N PRO A 244 -21.70 -15.86 -17.82
CA PRO A 244 -22.38 -16.40 -19.00
C PRO A 244 -21.52 -16.29 -20.24
N GLN A 245 -21.57 -17.32 -21.08
CA GLN A 245 -20.83 -17.36 -22.33
C GLN A 245 -21.78 -17.15 -23.50
N PRO A 246 -21.67 -16.06 -24.28
CA PRO A 246 -20.67 -15.00 -24.18
C PRO A 246 -20.98 -14.02 -23.05
N PRO A 247 -20.01 -13.18 -22.68
CA PRO A 247 -20.19 -12.28 -21.54
C PRO A 247 -21.03 -11.05 -21.84
N PHE A 248 -21.49 -10.86 -23.08
CA PHE A 248 -22.28 -9.71 -23.45
C PHE A 248 -23.42 -10.14 -24.35
N GLN A 249 -24.60 -9.56 -24.14
CA GLN A 249 -25.78 -9.86 -24.94
C GLN A 249 -25.98 -8.84 -26.06
N THR A 250 -26.05 -7.55 -25.71
CA THR A 250 -26.24 -6.50 -26.70
C THR A 250 -25.14 -5.46 -26.56
N HIS A 251 -25.12 -4.51 -27.49
CA HIS A 251 -24.09 -3.49 -27.50
C HIS A 251 -24.64 -2.22 -28.13
N PHE A 252 -24.02 -1.09 -27.79
CA PHE A 252 -24.38 0.17 -28.42
C PHE A 252 -23.15 1.07 -28.49
N CYS A 253 -22.96 1.71 -29.64
CA CYS A 253 -21.81 2.55 -29.91
C CYS A 253 -22.27 3.90 -30.42
N VAL A 254 -21.64 4.97 -29.93
CA VAL A 254 -21.96 6.33 -30.34
C VAL A 254 -20.67 7.04 -30.72
N LEU A 255 -20.71 7.77 -31.83
CA LEU A 255 -19.55 8.44 -32.39
C LEU A 255 -19.91 9.87 -32.73
N SER A 256 -19.10 10.82 -32.28
CA SER A 256 -19.37 12.24 -32.49
C SER A 256 -18.22 12.90 -33.24
N LYS A 257 -18.57 13.73 -34.21
CA LYS A 257 -17.58 14.53 -34.92
C LYS A 257 -16.95 15.54 -33.97
N LEU A 258 -15.67 15.82 -34.21
CA LEU A 258 -14.96 16.84 -33.42
C LEU A 258 -15.56 18.22 -33.68
N ASN A 259 -15.08 19.23 -32.95
CA ASN A 259 -15.60 20.58 -33.13
C ASN A 259 -15.09 21.25 -34.40
N ASP A 260 -14.04 20.73 -35.01
CA ASP A 260 -13.45 21.32 -36.20
C ASP A 260 -13.51 20.40 -37.40
N CYS A 261 -13.06 19.15 -37.26
CA CYS A 261 -12.99 18.25 -38.41
C CYS A 261 -14.38 17.83 -38.86
N ILE A 262 -14.44 17.33 -40.10
CA ILE A 262 -15.68 16.86 -40.71
C ILE A 262 -15.43 15.46 -41.25
N PHE A 263 -16.53 14.71 -41.42
CA PHE A 263 -16.42 13.35 -41.90
C PHE A 263 -15.86 13.34 -43.32
N PRO A 264 -15.27 12.21 -43.76
CA PRO A 264 -14.68 12.13 -45.10
C PRO A 264 -15.71 11.79 -46.19
N TYR A 265 -16.85 12.46 -46.14
CA TYR A 265 -17.88 12.38 -47.17
C TYR A 265 -18.24 10.94 -47.52
N ASP A 266 -17.98 9.99 -46.63
CA ASP A 266 -18.38 8.61 -46.84
C ASP A 266 -18.86 7.92 -45.56
N TYR A 267 -18.94 8.64 -44.44
CA TYR A 267 -19.37 8.01 -43.20
C TYR A 267 -20.78 7.46 -43.33
N ASN A 268 -21.64 8.12 -44.12
CA ASN A 268 -23.00 7.61 -44.32
C ASN A 268 -22.96 6.20 -44.88
N GLU A 269 -22.23 6.01 -45.99
CA GLU A 269 -22.15 4.69 -46.60
C GLU A 269 -21.45 3.70 -45.67
N ALA A 270 -20.41 4.16 -44.98
CA ALA A 270 -19.68 3.26 -44.07
C ALA A 270 -20.62 2.69 -43.00
N VAL A 271 -21.36 3.57 -42.32
CA VAL A 271 -22.27 3.11 -41.28
C VAL A 271 -23.41 2.31 -41.88
N LYS A 272 -23.88 2.68 -43.07
CA LYS A 272 -24.95 1.93 -43.71
C LYS A 272 -24.54 0.49 -43.97
N GLN A 273 -23.33 0.29 -44.50
CA GLN A 273 -22.86 -1.05 -44.84
C GLN A 273 -22.31 -1.82 -43.64
N LYS A 274 -21.94 -1.13 -42.56
CA LYS A 274 -21.37 -1.84 -41.41
C LYS A 274 -22.46 -2.42 -40.52
N ASN A 275 -23.30 -1.57 -39.94
CA ASN A 275 -24.35 -2.02 -39.03
C ASN A 275 -25.21 -0.82 -38.67
N ALA A 276 -26.36 -1.10 -38.06
CA ALA A 276 -27.32 -0.09 -37.66
C ALA A 276 -27.28 0.22 -36.17
N ASN A 277 -26.32 -0.35 -35.44
CA ASN A 277 -26.22 -0.12 -34.01
C ASN A 277 -25.28 1.03 -33.65
N ILE A 278 -24.73 1.73 -34.63
CA ILE A 278 -23.80 2.83 -34.41
C ILE A 278 -24.56 4.13 -34.62
N GLU A 279 -24.57 4.99 -33.61
CA GLU A 279 -25.26 6.27 -33.67
C GLU A 279 -24.24 7.37 -33.92
N ILE A 280 -24.40 8.09 -35.01
CA ILE A 280 -23.49 9.16 -35.40
C ILE A 280 -24.13 10.50 -35.04
N ALA A 281 -23.41 11.30 -34.24
CA ALA A 281 -23.86 12.61 -33.81
C ALA A 281 -22.85 13.66 -34.26
N LEU A 282 -23.32 14.90 -34.35
CA LEU A 282 -22.51 15.99 -34.85
C LEU A 282 -21.89 16.86 -33.77
N THR A 283 -22.50 16.92 -32.59
CA THR A 283 -21.99 17.73 -31.49
C THR A 283 -21.92 16.88 -30.23
N GLU A 284 -20.92 17.16 -29.40
CA GLU A 284 -20.71 16.38 -28.18
C GLU A 284 -21.94 16.40 -27.29
N ARG A 285 -22.73 17.49 -27.35
CA ARG A 285 -23.95 17.56 -26.56
C ARG A 285 -24.89 16.41 -26.93
N THR A 286 -25.07 16.17 -28.22
CA THR A 286 -25.94 15.09 -28.66
C THR A 286 -25.39 13.73 -28.24
N LEU A 287 -24.07 13.55 -28.32
CA LEU A 287 -23.49 12.29 -27.89
C LEU A 287 -23.78 12.03 -26.42
N LEU A 288 -23.54 13.03 -25.57
CA LEU A 288 -23.76 12.85 -24.14
C LEU A 288 -25.24 12.63 -23.85
N GLY A 289 -26.12 13.36 -24.54
CA GLY A 289 -27.55 13.15 -24.32
C GLY A 289 -27.99 11.74 -24.70
N PHE A 290 -27.51 11.24 -25.85
CA PHE A 290 -27.86 9.89 -26.26
C PHE A 290 -27.31 8.86 -25.29
N PHE A 291 -26.09 9.07 -24.80
CA PHE A 291 -25.52 8.15 -23.83
C PHE A 291 -26.34 8.13 -22.54
N LEU A 292 -26.75 9.30 -22.07
CA LEU A 292 -27.56 9.37 -20.85
C LEU A 292 -28.90 8.68 -21.05
N ALA A 293 -29.53 8.90 -22.21
CA ALA A 293 -30.81 8.25 -22.49
C ALA A 293 -30.65 6.74 -22.54
N LYS A 294 -29.59 6.25 -23.18
CA LYS A 294 -29.36 4.81 -23.24
C LYS A 294 -29.12 4.24 -21.86
N ILE A 295 -28.35 4.94 -21.02
CA ILE A 295 -28.11 4.45 -19.67
C ILE A 295 -29.42 4.39 -18.88
N HIS A 296 -30.25 5.42 -19.02
CA HIS A 296 -31.55 5.41 -18.34
C HIS A 296 -32.41 4.25 -18.81
N LYS A 297 -32.44 4.00 -20.12
CA LYS A 297 -33.29 2.93 -20.65
C LYS A 297 -32.80 1.57 -20.19
N ILE A 298 -31.50 1.30 -20.34
CA ILE A 298 -30.96 0.01 -19.95
C ILE A 298 -31.06 -0.18 -18.44
N ASP A 299 -30.71 0.85 -17.68
CA ASP A 299 -30.77 0.80 -16.22
C ASP A 299 -29.86 -0.27 -15.66
N PRO A 300 -28.55 -0.14 -15.82
CA PRO A 300 -27.64 -1.15 -15.27
C PRO A 300 -27.46 -1.01 -13.77
N ASP A 301 -27.35 -2.15 -13.09
CA ASP A 301 -27.01 -2.17 -11.68
C ASP A 301 -25.50 -2.16 -11.44
N VAL A 302 -24.72 -2.62 -12.42
CA VAL A 302 -23.26 -2.60 -12.35
C VAL A 302 -22.73 -1.97 -13.62
N ILE A 303 -21.89 -0.95 -13.46
CA ILE A 303 -21.20 -0.30 -14.57
C ILE A 303 -19.72 -0.55 -14.38
N VAL A 304 -19.10 -1.18 -15.38
CA VAL A 304 -17.71 -1.61 -15.27
C VAL A 304 -16.87 -0.92 -16.33
N GLY A 305 -15.62 -0.69 -15.98
CA GLY A 305 -14.70 -0.02 -16.90
C GLY A 305 -13.31 0.00 -16.32
N HIS A 306 -12.40 0.54 -17.12
CA HIS A 306 -11.00 0.71 -16.73
C HIS A 306 -10.75 2.17 -16.41
N ASP A 307 -10.19 2.43 -15.23
CA ASP A 307 -9.97 3.79 -14.76
C ASP A 307 -11.28 4.58 -14.72
N ILE A 308 -12.37 3.90 -14.38
CA ILE A 308 -13.67 4.58 -14.37
C ILE A 308 -13.71 5.66 -13.30
N TYR A 309 -13.17 5.37 -12.12
CA TYR A 309 -13.17 6.36 -11.05
C TYR A 309 -12.26 7.54 -11.40
N GLY A 310 -11.10 7.26 -11.99
CA GLY A 310 -10.12 8.30 -12.25
C GLY A 310 -10.43 9.18 -13.43
N PHE A 311 -10.54 8.59 -14.62
CA PHE A 311 -10.66 9.33 -15.86
C PHE A 311 -12.05 9.28 -16.46
N ASP A 312 -12.63 8.08 -16.59
CA ASP A 312 -13.87 7.94 -17.36
C ASP A 312 -14.98 8.81 -16.78
N LEU A 313 -15.41 8.52 -15.54
CA LEU A 313 -16.55 9.23 -14.98
C LEU A 313 -16.25 10.70 -14.73
N GLU A 314 -15.01 11.02 -14.33
CA GLU A 314 -14.66 12.41 -14.10
C GLU A 314 -14.79 13.21 -15.38
N VAL A 315 -14.27 12.69 -16.49
CA VAL A 315 -14.38 13.38 -17.77
C VAL A 315 -15.84 13.43 -18.22
N LEU A 316 -16.59 12.36 -17.98
CA LEU A 316 -18.00 12.35 -18.35
C LEU A 316 -18.74 13.49 -17.65
N LEU A 317 -18.58 13.60 -16.33
CA LEU A 317 -19.25 14.66 -15.59
C LEU A 317 -18.75 16.03 -16.00
N GLN A 318 -17.45 16.18 -16.23
CA GLN A 318 -16.91 17.47 -16.65
C GLN A 318 -17.51 17.90 -17.98
N ARG A 319 -17.60 16.99 -18.93
CA ARG A 319 -18.16 17.34 -20.23
C ARG A 319 -19.65 17.60 -20.14
N ILE A 320 -20.36 16.86 -19.27
CA ILE A 320 -21.78 17.12 -19.09
C ILE A 320 -21.99 18.52 -18.53
N ASN A 321 -21.17 18.91 -17.54
CA ASN A 321 -21.28 20.25 -16.98
C ASN A 321 -20.93 21.31 -18.03
N SER A 322 -19.87 21.08 -18.80
CA SER A 322 -19.46 22.07 -19.79
C SER A 322 -20.52 22.25 -20.88
N CYS A 323 -21.11 21.16 -21.34
CA CYS A 323 -22.11 21.20 -22.39
C CYS A 323 -23.52 21.46 -21.88
N LYS A 324 -23.70 21.52 -20.56
CA LYS A 324 -25.02 21.75 -19.97
C LYS A 324 -26.03 20.73 -20.51
N VAL A 325 -25.60 19.49 -20.62
CA VAL A 325 -26.46 18.42 -21.11
C VAL A 325 -27.59 18.23 -20.11
N PRO A 326 -28.84 18.37 -20.50
CA PRO A 326 -29.93 18.26 -19.53
C PRO A 326 -30.02 16.85 -18.95
N PHE A 327 -30.51 16.79 -17.71
CA PHE A 327 -30.75 15.52 -17.03
C PHE A 327 -29.45 14.75 -16.79
N TRP A 328 -28.52 15.42 -16.10
CA TRP A 328 -27.29 14.75 -15.71
C TRP A 328 -27.56 13.61 -14.74
N SER A 329 -28.60 13.73 -13.92
CA SER A 329 -28.88 12.74 -12.89
C SER A 329 -29.17 11.36 -13.47
N LYS A 330 -29.45 11.27 -14.77
CA LYS A 330 -29.62 9.97 -15.41
C LYS A 330 -28.38 9.11 -15.22
N ILE A 331 -27.20 9.72 -15.10
CA ILE A 331 -25.98 8.94 -14.91
C ILE A 331 -26.08 8.12 -13.63
N GLY A 332 -26.79 8.62 -12.64
CA GLY A 332 -27.06 7.91 -11.42
C GLY A 332 -28.42 7.25 -11.43
N ARG A 333 -29.01 7.13 -10.23
CA ARG A 333 -30.34 6.57 -10.10
C ARG A 333 -31.27 7.44 -9.28
N LEU A 334 -30.79 8.55 -8.73
CA LEU A 334 -31.58 9.50 -7.96
C LEU A 334 -31.62 10.82 -8.70
N ARG A 335 -32.79 11.46 -8.71
CA ARG A 335 -32.98 12.70 -9.44
C ARG A 335 -32.61 13.87 -8.52
N ARG A 336 -31.56 14.59 -8.90
CA ARG A 336 -31.00 15.68 -8.11
C ARG A 336 -30.77 16.89 -9.00
N SER A 337 -30.71 18.06 -8.37
CA SER A 337 -30.55 19.31 -9.09
C SER A 337 -29.13 19.83 -9.09
N VAL A 338 -28.42 19.75 -7.97
CA VAL A 338 -27.07 20.28 -7.84
C VAL A 338 -26.08 19.14 -7.99
N MET A 339 -25.12 19.30 -8.90
CA MET A 339 -24.11 18.28 -9.11
C MET A 339 -23.20 18.19 -7.90
N PRO A 340 -22.75 16.98 -7.53
CA PRO A 340 -21.74 16.88 -6.46
C PRO A 340 -20.45 17.58 -6.87
N LYS A 341 -19.79 18.16 -5.87
CA LYS A 341 -18.60 18.96 -6.16
C LYS A 341 -17.51 18.08 -6.79
N LEU A 342 -16.89 18.62 -7.84
CA LEU A 342 -15.88 17.88 -8.57
C LEU A 342 -14.55 17.95 -7.83
N GLY A 343 -14.06 16.82 -7.37
CA GLY A 343 -12.80 16.76 -6.66
C GLY A 343 -12.85 15.69 -5.58
N GLY A 344 -11.99 15.84 -4.59
CA GLY A 344 -11.92 14.93 -3.47
C GLY A 344 -11.00 13.75 -3.74
N ARG A 345 -10.75 12.99 -2.69
CA ARG A 345 -9.88 11.83 -2.78
C ARG A 345 -10.59 10.69 -3.51
N SER A 346 -9.79 9.80 -4.10
CA SER A 346 -10.29 8.66 -4.84
C SER A 346 -11.42 9.07 -5.79
N GLY A 347 -12.61 8.49 -5.64
CA GLY A 347 -13.71 8.79 -6.53
C GLY A 347 -15.04 8.91 -5.82
N PHE A 348 -15.01 9.41 -4.57
CA PHE A 348 -16.25 9.56 -3.82
C PHE A 348 -17.19 10.54 -4.51
N ALA A 349 -16.66 11.60 -5.11
CA ALA A 349 -17.50 12.49 -5.91
C ALA A 349 -18.08 11.73 -7.10
N GLU A 350 -17.26 10.93 -7.77
CA GLU A 350 -17.76 10.12 -8.88
C GLU A 350 -18.79 9.11 -8.40
N ARG A 351 -18.55 8.50 -7.24
CA ARG A 351 -19.51 7.55 -6.70
C ARG A 351 -20.85 8.23 -6.42
N ASN A 352 -20.82 9.43 -5.84
CA ASN A 352 -22.05 10.15 -5.56
C ASN A 352 -22.76 10.52 -6.85
N ALA A 353 -22.00 10.93 -7.88
CA ALA A 353 -22.62 11.26 -9.15
C ALA A 353 -23.39 10.08 -9.72
N ALA A 354 -22.89 8.87 -9.50
CA ALA A 354 -23.54 7.64 -9.96
C ALA A 354 -24.22 6.92 -8.80
N CYS A 355 -24.87 7.66 -7.91
CA CYS A 355 -25.45 7.07 -6.71
C CYS A 355 -26.44 5.97 -7.09
N GLY A 356 -26.41 4.88 -6.35
CA GLY A 356 -27.31 3.77 -6.58
C GLY A 356 -26.87 2.79 -7.63
N ARG A 357 -25.75 3.04 -8.29
CA ARG A 357 -25.22 2.15 -9.33
C ARG A 357 -23.83 1.70 -8.91
N ILE A 358 -23.64 0.39 -8.77
CA ILE A 358 -22.34 -0.14 -8.43
C ILE A 358 -21.37 0.15 -9.56
N ILE A 359 -20.16 0.57 -9.22
CA ILE A 359 -19.11 0.89 -10.18
C ILE A 359 -17.95 -0.07 -9.96
N CYS A 360 -17.49 -0.70 -11.04
CA CYS A 360 -16.42 -1.70 -10.99
C CYS A 360 -15.25 -1.20 -11.83
N ASP A 361 -14.18 -0.80 -11.16
CA ASP A 361 -12.93 -0.41 -11.80
C ASP A 361 -12.02 -1.63 -11.78
N ILE A 362 -11.75 -2.20 -12.95
CA ILE A 362 -10.94 -3.41 -13.01
C ILE A 362 -9.52 -3.16 -12.52
N GLU A 363 -9.09 -1.90 -12.49
CA GLU A 363 -7.77 -1.59 -11.95
C GLU A 363 -7.72 -1.90 -10.45
N ILE A 364 -8.71 -1.41 -9.70
CA ILE A 364 -8.73 -1.64 -8.26
C ILE A 364 -8.86 -3.13 -7.96
N SER A 365 -9.77 -3.80 -8.66
CA SER A 365 -9.98 -5.22 -8.42
C SER A 365 -8.75 -6.03 -8.79
N ALA A 366 -8.08 -5.67 -9.90
CA ALA A 366 -6.86 -6.36 -10.27
C ALA A 366 -5.77 -6.17 -9.23
N LYS A 367 -5.63 -4.94 -8.72
CA LYS A 367 -4.64 -4.69 -7.68
C LYS A 367 -4.95 -5.52 -6.44
N GLU A 368 -6.23 -5.63 -6.08
CA GLU A 368 -6.59 -6.36 -4.87
C GLU A 368 -6.41 -7.86 -5.04
N LEU A 369 -6.78 -8.40 -6.20
CA LEU A 369 -6.90 -9.85 -6.38
C LEU A 369 -5.59 -10.49 -6.85
N ILE A 370 -5.00 -9.97 -7.93
CA ILE A 370 -3.82 -10.58 -8.52
C ILE A 370 -2.63 -9.64 -8.41
N ARG A 371 -1.47 -10.10 -8.86
CA ARG A 371 -0.25 -9.29 -8.87
C ARG A 371 0.29 -9.27 -10.30
N CYS A 372 0.64 -8.07 -10.77
CA CYS A 372 1.13 -7.90 -12.13
C CYS A 372 2.18 -6.80 -12.13
N LYS A 373 3.07 -6.85 -13.12
CA LYS A 373 4.12 -5.85 -13.21
C LYS A 373 3.54 -4.47 -13.46
N SER A 374 2.51 -4.39 -14.30
CA SER A 374 1.82 -3.13 -14.56
C SER A 374 0.32 -3.42 -14.62
N TYR A 375 -0.47 -2.42 -14.21
CA TYR A 375 -1.92 -2.54 -14.20
C TYR A 375 -2.57 -1.77 -15.34
N HIS A 376 -1.80 -1.42 -16.37
CA HIS A 376 -2.38 -0.87 -17.58
C HIS A 376 -3.26 -1.92 -18.25
N LEU A 377 -4.17 -1.45 -19.10
CA LEU A 377 -5.11 -2.36 -19.74
C LEU A 377 -4.39 -3.38 -20.60
N SER A 378 -3.37 -2.94 -21.33
CA SER A 378 -2.63 -3.86 -22.20
C SER A 378 -2.02 -5.00 -21.39
N GLU A 379 -1.33 -4.65 -20.29
CA GLU A 379 -0.70 -5.67 -19.47
C GLU A 379 -1.74 -6.58 -18.83
N LEU A 380 -2.86 -6.02 -18.38
CA LEU A 380 -3.90 -6.84 -17.78
C LEU A 380 -4.45 -7.85 -18.79
N VAL A 381 -4.69 -7.40 -20.02
CA VAL A 381 -5.19 -8.30 -21.05
C VAL A 381 -4.14 -9.36 -21.36
N HIS A 382 -2.86 -8.96 -21.40
CA HIS A 382 -1.81 -9.92 -21.69
C HIS A 382 -1.71 -11.00 -20.61
N GLN A 383 -1.87 -10.62 -19.35
CA GLN A 383 -1.65 -11.54 -18.25
C GLN A 383 -2.88 -12.37 -17.91
N ILE A 384 -4.09 -11.84 -18.13
CA ILE A 384 -5.30 -12.54 -17.73
C ILE A 384 -5.90 -13.28 -18.91
N LEU A 385 -6.25 -12.53 -19.96
CA LEU A 385 -6.88 -13.14 -21.13
C LEU A 385 -5.88 -13.78 -22.07
N LYS A 386 -4.59 -13.47 -21.94
CA LYS A 386 -3.55 -14.04 -22.79
C LYS A 386 -3.79 -13.67 -24.26
N ALA A 387 -3.98 -12.36 -24.49
CA ALA A 387 -4.22 -11.85 -25.83
C ALA A 387 -3.45 -10.55 -26.00
N GLU A 388 -3.26 -10.15 -27.26
CA GLU A 388 -2.54 -8.93 -27.59
C GLU A 388 -3.53 -7.84 -27.99
N ARG A 389 -3.39 -6.68 -27.37
CA ARG A 389 -4.27 -5.54 -27.63
C ARG A 389 -3.49 -4.46 -28.37
N VAL A 390 -4.07 -3.97 -29.46
CA VAL A 390 -3.44 -2.91 -30.23
C VAL A 390 -3.72 -1.57 -29.56
N VAL A 391 -2.79 -0.63 -29.71
CA VAL A 391 -2.85 0.67 -29.07
C VAL A 391 -3.02 1.73 -30.16
N ILE A 392 -4.02 2.59 -30.00
CA ILE A 392 -4.25 3.71 -30.91
C ILE A 392 -3.47 4.91 -30.37
N PRO A 393 -2.47 5.42 -31.08
CA PRO A 393 -1.70 6.55 -30.58
C PRO A 393 -2.60 7.74 -30.31
N PRO A 394 -2.35 8.51 -29.25
CA PRO A 394 -3.21 9.66 -28.97
C PRO A 394 -3.22 10.69 -30.07
N GLU A 395 -2.12 10.82 -30.83
CA GLU A 395 -2.03 11.80 -31.89
C GLU A 395 -2.68 11.34 -33.19
N ASN A 396 -3.07 10.07 -33.29
CA ASN A 396 -3.69 9.55 -34.50
C ASN A 396 -5.21 9.56 -34.46
N ILE A 397 -5.82 9.66 -33.27
CA ILE A 397 -7.28 9.71 -33.21
C ILE A 397 -7.80 10.93 -33.94
N ARG A 398 -7.18 12.08 -33.72
CA ARG A 398 -7.60 13.30 -34.43
C ARG A 398 -7.45 13.15 -35.93
N ASN A 399 -6.32 12.61 -36.38
CA ASN A 399 -6.08 12.47 -37.81
C ASN A 399 -6.93 11.38 -38.45
N ALA A 400 -7.50 10.48 -37.63
CA ALA A 400 -8.35 9.43 -38.18
C ALA A 400 -9.63 9.95 -38.81
N TYR A 401 -9.98 11.22 -38.57
CA TYR A 401 -11.16 11.80 -39.19
C TYR A 401 -10.81 12.26 -40.61
N ASN A 402 -10.25 11.36 -41.40
CA ASN A 402 -9.93 11.64 -42.78
C ASN A 402 -10.30 10.50 -43.71
N ASP A 403 -10.81 9.39 -43.18
CA ASP A 403 -11.24 8.26 -43.99
C ASP A 403 -12.24 7.45 -43.21
N SER A 404 -13.24 6.90 -43.90
CA SER A 404 -14.27 6.11 -43.22
C SER A 404 -13.66 4.87 -42.58
N VAL A 405 -12.72 4.21 -43.27
CA VAL A 405 -12.14 2.98 -42.76
C VAL A 405 -11.46 3.24 -41.42
N HIS A 406 -10.70 4.33 -41.32
CA HIS A 406 -9.97 4.61 -40.09
C HIS A 406 -10.92 4.93 -38.94
N LEU A 407 -11.99 5.68 -39.21
CA LEU A 407 -12.95 6.00 -38.15
C LEU A 407 -13.66 4.75 -37.66
N LEU A 408 -14.08 3.89 -38.59
CA LEU A 408 -14.70 2.62 -38.18
C LEU A 408 -13.71 1.76 -37.40
N TYR A 409 -12.44 1.78 -37.78
CA TYR A 409 -11.44 1.03 -37.05
C TYR A 409 -11.28 1.57 -35.64
N MET A 410 -11.32 2.89 -35.48
CA MET A 410 -11.26 3.48 -34.14
C MET A 410 -12.44 3.04 -33.29
N LEU A 411 -13.64 3.08 -33.86
CA LEU A 411 -14.83 2.67 -33.11
C LEU A 411 -14.74 1.20 -32.73
N GLU A 412 -14.25 0.35 -33.65
CA GLU A 412 -14.09 -1.06 -33.35
C GLU A 412 -13.03 -1.29 -32.29
N ASN A 413 -11.98 -0.44 -32.26
CA ASN A 413 -10.99 -0.54 -31.21
C ASN A 413 -11.62 -0.24 -29.86
N THR A 414 -12.47 0.78 -29.79
CA THR A 414 -13.18 1.06 -28.54
C THR A 414 -14.06 -0.12 -28.14
N TRP A 415 -14.76 -0.71 -29.11
CA TRP A 415 -15.59 -1.88 -28.83
C TRP A 415 -14.75 -3.03 -28.28
N ILE A 416 -13.58 -3.26 -28.88
CA ILE A 416 -12.72 -4.36 -28.43
C ILE A 416 -12.19 -4.08 -27.04
N ASP A 417 -11.88 -2.83 -26.73
CA ASP A 417 -11.45 -2.50 -25.37
C ASP A 417 -12.57 -2.79 -24.37
N ALA A 418 -13.81 -2.44 -24.71
CA ALA A 418 -14.92 -2.76 -23.82
C ALA A 418 -15.04 -4.27 -23.63
N LYS A 419 -14.90 -5.03 -24.72
CA LYS A 419 -15.00 -6.48 -24.61
C LYS A 419 -13.90 -7.03 -23.73
N PHE A 420 -12.68 -6.50 -23.86
CA PHE A 420 -11.58 -6.94 -23.00
C PHE A 420 -11.88 -6.66 -21.54
N ILE A 421 -12.42 -5.46 -21.25
CA ILE A 421 -12.74 -5.12 -19.88
C ILE A 421 -13.75 -6.10 -19.31
N LEU A 422 -14.80 -6.40 -20.08
CA LEU A 422 -15.83 -7.32 -19.61
C LEU A 422 -15.25 -8.71 -19.40
N GLN A 423 -14.39 -9.17 -20.31
CA GLN A 423 -13.78 -10.49 -20.17
C GLN A 423 -12.91 -10.56 -18.92
N ILE A 424 -12.13 -9.52 -18.66
CA ILE A 424 -11.32 -9.51 -17.45
C ILE A 424 -12.20 -9.55 -16.21
N MET A 425 -13.29 -8.77 -16.21
CA MET A 425 -14.22 -8.81 -15.09
C MET A 425 -14.73 -10.23 -14.87
N CYS A 426 -15.13 -10.91 -15.95
CA CYS A 426 -15.67 -12.25 -15.83
C CYS A 426 -14.61 -13.23 -15.31
N GLU A 427 -13.38 -13.11 -15.79
CA GLU A 427 -12.36 -14.10 -15.45
C GLU A 427 -12.08 -14.14 -13.96
N LEU A 428 -11.87 -12.97 -13.34
CA LEU A 428 -11.49 -12.92 -11.94
C LEU A 428 -12.66 -13.20 -10.99
N ASN A 429 -13.88 -13.33 -11.50
CA ASN A 429 -15.06 -13.44 -10.65
C ASN A 429 -15.13 -12.25 -9.69
N VAL A 430 -14.98 -11.05 -10.25
CA VAL A 430 -14.98 -9.85 -9.42
C VAL A 430 -16.30 -9.70 -8.68
N LEU A 431 -17.40 -9.93 -9.38
CA LEU A 431 -18.72 -9.65 -8.81
C LEU A 431 -19.11 -10.69 -7.76
N PRO A 432 -19.05 -11.98 -8.07
CA PRO A 432 -19.37 -12.97 -7.02
C PRO A 432 -18.47 -12.89 -5.82
N LEU A 433 -17.17 -12.65 -6.03
CA LEU A 433 -16.25 -12.52 -4.90
C LEU A 433 -16.56 -11.27 -4.09
N ALA A 434 -16.90 -10.17 -4.76
CA ALA A 434 -17.30 -8.97 -4.04
C ALA A 434 -18.54 -9.24 -3.20
N LEU A 435 -19.52 -9.95 -3.76
CA LEU A 435 -20.72 -10.28 -3.02
C LEU A 435 -20.39 -11.13 -1.79
N GLN A 436 -19.52 -12.13 -1.96
CA GLN A 436 -19.18 -12.99 -0.83
C GLN A 436 -18.49 -12.20 0.26
N ILE A 437 -17.52 -11.36 -0.12
CA ILE A 437 -16.79 -10.57 0.88
C ILE A 437 -17.75 -9.61 1.59
N THR A 438 -18.64 -8.97 0.82
CA THR A 438 -19.58 -8.04 1.42
C THR A 438 -20.51 -8.74 2.40
N ASN A 439 -21.00 -9.93 2.03
CA ASN A 439 -21.86 -10.68 2.93
C ASN A 439 -21.12 -11.07 4.20
N ILE A 440 -19.87 -11.51 4.07
CA ILE A 440 -19.11 -11.89 5.26
C ILE A 440 -18.89 -10.68 6.16
N ALA A 441 -18.50 -9.55 5.57
CA ALA A 441 -18.21 -8.35 6.36
C ALA A 441 -19.50 -7.66 6.80
N GLY A 442 -20.29 -7.19 5.84
CA GLY A 442 -21.55 -6.52 6.14
C GLY A 442 -21.60 -5.08 5.66
N ASN A 443 -20.62 -4.66 4.88
CA ASN A 443 -20.59 -3.30 4.35
C ASN A 443 -21.50 -3.23 3.12
N VAL A 444 -21.41 -2.12 2.39
CA VAL A 444 -22.13 -1.95 1.13
C VAL A 444 -21.23 -2.41 -0.01
N MET A 445 -21.85 -2.89 -1.08
CA MET A 445 -21.09 -3.52 -2.15
C MET A 445 -20.18 -2.52 -2.86
N SER A 446 -20.67 -1.29 -3.08
CA SER A 446 -19.84 -0.29 -3.74
C SER A 446 -18.58 0.00 -2.94
N ARG A 447 -18.70 0.06 -1.61
CA ARG A 447 -17.52 0.25 -0.77
C ARG A 447 -16.54 -0.90 -0.94
N THR A 448 -17.06 -2.13 -1.01
CA THR A 448 -16.19 -3.29 -1.19
C THR A 448 -15.45 -3.22 -2.51
N LEU A 449 -16.14 -2.81 -3.58
CA LEU A 449 -15.52 -2.74 -4.90
C LEU A 449 -14.67 -1.49 -5.09
N MET A 450 -14.72 -0.53 -4.16
CA MET A 450 -13.83 0.62 -4.22
C MET A 450 -12.44 0.30 -3.68
N GLY A 451 -12.24 -0.89 -3.12
CA GLY A 451 -10.96 -1.26 -2.56
C GLY A 451 -10.85 -0.94 -1.08
N GLY A 452 -9.75 -1.39 -0.50
CA GLY A 452 -9.46 -1.13 0.89
C GLY A 452 -9.84 -2.28 1.80
N ARG A 453 -9.27 -2.28 3.00
CA ARG A 453 -9.51 -3.32 3.99
C ARG A 453 -10.11 -2.80 5.29
N SER A 454 -9.90 -1.53 5.62
CA SER A 454 -10.33 -1.03 6.93
C SER A 454 -11.84 -1.08 7.08
N GLU A 455 -12.58 -0.68 6.04
CA GLU A 455 -14.04 -0.62 6.15
C GLU A 455 -14.63 -2.00 6.39
N ARG A 456 -14.10 -3.02 5.71
CA ARG A 456 -14.66 -4.36 5.84
C ARG A 456 -14.55 -4.87 7.28
N ASN A 457 -13.35 -4.80 7.86
CA ASN A 457 -13.17 -5.23 9.24
C ASN A 457 -13.96 -4.34 10.20
N GLU A 458 -14.01 -3.04 9.92
CA GLU A 458 -14.79 -2.13 10.74
C GLU A 458 -16.22 -2.61 10.85
N TYR A 459 -16.85 -2.89 9.70
CA TYR A 459 -18.25 -3.32 9.72
C TYR A 459 -18.40 -4.71 10.31
N LEU A 460 -17.43 -5.60 10.05
CA LEU A 460 -17.49 -6.93 10.66
C LEU A 460 -17.56 -6.83 12.17
N LEU A 461 -16.63 -6.08 12.76
CA LEU A 461 -16.62 -5.94 14.21
C LEU A 461 -17.82 -5.15 14.71
N LEU A 462 -18.29 -4.17 13.94
CA LEU A 462 -19.48 -3.43 14.33
C LEU A 462 -20.67 -4.37 14.49
N HIS A 463 -20.90 -5.21 13.48
CA HIS A 463 -22.01 -6.16 13.55
C HIS A 463 -21.81 -7.14 14.69
N ALA A 464 -20.59 -7.67 14.84
CA ALA A 464 -20.34 -8.65 15.88
C ALA A 464 -20.62 -8.07 17.26
N PHE A 465 -20.20 -6.83 17.51
CA PHE A 465 -20.39 -6.23 18.82
C PHE A 465 -21.84 -5.83 19.04
N THR A 466 -22.48 -5.24 18.03
CA THR A 466 -23.87 -4.84 18.20
C THR A 466 -24.77 -6.04 18.46
N GLU A 467 -24.52 -7.15 17.76
CA GLU A 467 -25.33 -8.34 17.98
C GLU A 467 -25.20 -8.87 19.40
N ASN A 468 -24.06 -8.64 20.05
CA ASN A 468 -23.78 -9.17 21.38
C ASN A 468 -23.96 -8.12 22.47
N ASN A 469 -24.81 -7.11 22.24
CA ASN A 469 -25.19 -6.16 23.28
C ASN A 469 -23.98 -5.36 23.77
N PHE A 470 -23.34 -4.67 22.83
CA PHE A 470 -22.18 -3.83 23.13
C PHE A 470 -22.42 -2.43 22.59
N ILE A 471 -21.69 -1.47 23.15
CA ILE A 471 -21.69 -0.10 22.68
C ILE A 471 -20.41 0.11 21.88
N VAL A 472 -20.55 0.33 20.58
CA VAL A 472 -19.41 0.41 19.68
C VAL A 472 -18.77 1.79 19.82
N PRO A 473 -17.49 1.94 19.50
CA PRO A 473 -16.86 3.27 19.60
C PRO A 473 -17.53 4.26 18.64
N ASP A 474 -17.13 5.52 18.79
CA ASP A 474 -17.60 6.57 17.90
C ASP A 474 -16.65 6.70 16.72
N LYS A 475 -17.22 6.97 15.55
CA LYS A 475 -16.41 7.07 14.35
C LYS A 475 -15.39 8.19 14.49
N PRO A 476 -14.13 7.97 14.11
CA PRO A 476 -13.15 9.06 14.21
C PRO A 476 -13.57 10.26 13.38
N VAL A 477 -13.27 11.44 13.89
CA VAL A 477 -13.64 12.68 13.23
C VAL A 477 -12.48 13.20 12.39
N ALA A 505 7.01 1.88 12.53
CA ALA A 505 7.19 0.74 13.41
C ALA A 505 6.87 1.12 14.85
N ALA A 506 5.59 1.07 15.21
CA ALA A 506 5.14 1.45 16.54
C ALA A 506 5.13 0.29 17.52
N TYR A 507 5.42 -0.93 17.07
CA TYR A 507 5.48 -2.05 17.99
C TYR A 507 6.23 -3.19 17.30
N ALA A 508 6.71 -4.13 18.12
CA ALA A 508 7.49 -5.24 17.62
C ALA A 508 6.62 -6.18 16.79
N GLY A 509 7.23 -6.75 15.75
CA GLY A 509 6.53 -7.67 14.88
C GLY A 509 7.03 -9.09 14.98
N GLY A 510 7.24 -9.74 13.83
CA GLY A 510 7.69 -11.12 13.80
C GLY A 510 9.17 -11.25 14.07
N LEU A 511 9.62 -12.50 14.12
CA LEU A 511 11.01 -12.83 14.33
C LEU A 511 11.55 -13.56 13.10
N VAL A 512 12.64 -13.04 12.55
CA VAL A 512 13.30 -13.65 11.40
C VAL A 512 14.62 -14.22 11.89
N LEU A 513 14.73 -15.55 11.88
CA LEU A 513 15.94 -16.20 12.35
C LEU A 513 17.11 -15.89 11.40
N GLU A 514 18.30 -15.80 11.98
CA GLU A 514 19.49 -15.54 11.17
C GLU A 514 19.77 -16.75 10.30
N PRO A 515 19.78 -16.62 8.98
CA PRO A 515 19.95 -17.80 8.13
C PRO A 515 21.40 -18.24 8.02
N LYS A 516 21.56 -19.52 7.66
CA LYS A 516 22.87 -20.07 7.31
C LYS A 516 22.96 -20.05 5.79
N VAL A 517 23.33 -18.87 5.26
CA VAL A 517 23.31 -18.68 3.82
C VAL A 517 24.22 -19.69 3.15
N GLY A 518 23.76 -20.24 2.03
CA GLY A 518 24.58 -21.15 1.27
C GLY A 518 23.75 -21.90 0.25
N PHE A 519 24.30 -23.04 -0.18
CA PHE A 519 23.66 -23.94 -1.13
C PHE A 519 23.52 -25.30 -0.47
N TYR A 520 22.32 -25.88 -0.56
CA TYR A 520 22.02 -27.17 0.04
C TYR A 520 21.49 -28.09 -1.05
N ASP A 521 22.16 -29.22 -1.23
CA ASP A 521 21.81 -30.18 -2.29
C ASP A 521 20.99 -31.35 -1.77
N LYS A 522 20.51 -31.28 -0.53
CA LYS A 522 19.71 -32.34 0.06
C LYS A 522 18.31 -31.80 0.37
N PHE A 523 17.42 -32.71 0.70
CA PHE A 523 16.02 -32.34 0.94
C PHE A 523 15.92 -31.38 2.11
N ILE A 524 15.16 -30.31 1.92
CA ILE A 524 14.93 -29.30 2.95
C ILE A 524 13.45 -29.36 3.31
N LEU A 525 13.16 -29.54 4.59
CA LEU A 525 11.79 -29.70 5.07
C LEU A 525 11.32 -28.37 5.65
N LEU A 526 10.25 -27.81 5.07
CA LEU A 526 9.70 -26.54 5.53
C LEU A 526 8.44 -26.81 6.33
N LEU A 527 8.45 -26.40 7.60
CA LEU A 527 7.31 -26.56 8.50
C LEU A 527 6.70 -25.20 8.75
N ASP A 528 5.44 -25.03 8.39
CA ASP A 528 4.74 -23.75 8.46
C ASP A 528 3.49 -23.88 9.30
N PHE A 529 3.19 -22.85 10.08
CA PHE A 529 2.01 -22.83 10.90
C PHE A 529 0.79 -22.44 10.08
N ASN A 530 -0.36 -23.01 10.44
CA ASN A 530 -1.62 -22.77 9.75
C ASN A 530 -2.36 -21.61 10.44
N SER A 531 -2.54 -20.51 9.71
CA SER A 531 -3.24 -19.34 10.24
C SER A 531 -2.68 -18.95 11.61
N LEU A 532 -1.41 -18.55 11.59
CA LEU A 532 -0.68 -18.34 12.83
C LEU A 532 -1.38 -17.36 13.75
N TYR A 533 -1.50 -16.10 13.32
CA TYR A 533 -2.00 -15.06 14.20
C TYR A 533 -3.46 -15.28 14.58
N PRO A 534 -4.33 -15.62 13.62
CA PRO A 534 -5.71 -15.98 14.00
C PRO A 534 -5.77 -17.12 15.01
N SER A 535 -4.94 -18.14 14.83
CA SER A 535 -4.92 -19.25 15.76
C SER A 535 -4.38 -18.83 17.12
N ILE A 536 -3.46 -17.85 17.14
CA ILE A 536 -2.97 -17.32 18.40
C ILE A 536 -4.08 -16.56 19.12
N ILE A 537 -4.86 -15.78 18.38
CA ILE A 537 -5.97 -15.05 18.98
C ILE A 537 -6.97 -16.04 19.58
N GLN A 538 -7.28 -17.12 18.85
CA GLN A 538 -8.22 -18.10 19.36
C GLN A 538 -7.65 -18.82 20.59
N GLU A 539 -6.43 -19.33 20.47
CA GLU A 539 -5.87 -20.18 21.52
C GLU A 539 -5.73 -19.42 22.84
N TYR A 540 -5.10 -18.26 22.80
CA TYR A 540 -4.84 -17.48 23.99
C TYR A 540 -6.00 -16.54 24.34
N ASN A 541 -7.05 -16.51 23.53
CA ASN A 541 -8.27 -15.76 23.85
C ASN A 541 -7.99 -14.27 23.92
N ILE A 542 -7.25 -13.77 22.93
CA ILE A 542 -6.91 -12.35 22.88
C ILE A 542 -8.09 -11.59 22.28
N CYS A 543 -8.64 -10.65 23.04
CA CYS A 543 -9.79 -9.88 22.59
C CYS A 543 -9.85 -8.57 23.35
N PHE A 544 -10.76 -7.70 22.93
CA PHE A 544 -10.98 -6.45 23.64
C PHE A 544 -11.49 -6.72 25.05
N THR A 545 -12.38 -7.69 25.20
CA THR A 545 -13.04 -7.97 26.47
C THR A 545 -12.23 -8.89 27.38
N THR A 546 -11.06 -9.35 26.96
CA THR A 546 -10.26 -10.28 27.73
C THR A 546 -8.96 -9.68 28.25
N VAL A 547 -8.24 -8.95 27.41
CA VAL A 547 -6.96 -8.38 27.82
C VAL A 547 -7.20 -7.07 28.54
N HIS A 548 -6.41 -6.82 29.59
CA HIS A 548 -6.53 -5.61 30.40
C HIS A 548 -5.52 -4.60 29.90
N ARG A 549 -6.00 -3.65 29.11
CA ARG A 549 -5.15 -2.59 28.57
C ARG A 549 -5.11 -1.40 29.53
N GLU A 550 -4.11 -0.54 29.33
CA GLU A 550 -3.95 0.66 30.13
C GLU A 550 -3.40 1.77 29.25
N ALA A 551 -4.19 2.84 29.09
CA ALA A 551 -3.78 3.96 28.26
C ALA A 551 -2.57 4.66 28.86
N ASP A 561 4.18 1.86 26.42
CA ASP A 561 4.21 0.87 25.36
C ASP A 561 4.78 -0.45 25.89
N GLU A 562 3.98 -1.15 26.69
CA GLU A 562 4.37 -2.42 27.28
C GLU A 562 3.39 -3.51 26.87
N ILE A 563 3.90 -4.73 26.76
CA ILE A 563 3.10 -5.87 26.33
C ILE A 563 2.16 -6.25 27.46
N PRO A 564 0.84 -6.26 27.25
CA PRO A 564 -0.08 -6.70 28.30
C PRO A 564 0.04 -8.19 28.57
N GLU A 565 -0.36 -8.58 29.76
CA GLU A 565 -0.31 -9.99 30.15
C GLU A 565 -1.40 -10.78 29.44
N LEU A 566 -1.14 -12.07 29.26
CA LEU A 566 -2.11 -12.92 28.58
C LEU A 566 -3.38 -13.03 29.43
N PRO A 567 -4.55 -13.12 28.80
CA PRO A 567 -5.78 -13.24 29.57
C PRO A 567 -5.89 -14.58 30.28
N HIS A 568 -6.66 -14.59 31.36
CA HIS A 568 -6.87 -15.81 32.12
C HIS A 568 -7.56 -16.86 31.26
N SER A 569 -7.38 -18.12 31.65
CA SER A 569 -7.95 -19.25 30.93
C SER A 569 -9.34 -19.63 31.42
N ASP A 570 -9.87 -18.94 32.43
CA ASP A 570 -11.17 -19.24 32.99
C ASP A 570 -12.29 -18.39 32.37
N LEU A 571 -11.98 -17.58 31.37
CA LEU A 571 -12.96 -16.71 30.75
C LEU A 571 -13.66 -17.44 29.61
N GLU A 572 -14.60 -16.77 28.96
CA GLU A 572 -15.30 -17.28 27.80
C GLU A 572 -14.78 -16.58 26.54
N MET A 573 -14.82 -17.29 25.42
CA MET A 573 -14.29 -16.74 24.18
C MET A 573 -14.97 -15.43 23.84
N GLY A 574 -14.18 -14.43 23.46
CA GLY A 574 -14.71 -13.12 23.18
C GLY A 574 -15.42 -13.04 21.84
N ILE A 575 -15.43 -11.85 21.25
CA ILE A 575 -16.07 -11.64 19.95
C ILE A 575 -15.05 -11.74 18.83
N LEU A 576 -13.93 -11.03 18.97
CA LEU A 576 -12.88 -11.10 17.96
C LEU A 576 -12.42 -12.53 17.72
N PRO A 577 -12.13 -13.34 18.75
CA PRO A 577 -11.75 -14.73 18.47
C PRO A 577 -12.80 -15.46 17.67
N ARG A 578 -14.05 -15.42 18.12
CA ARG A 578 -15.11 -16.15 17.42
C ARG A 578 -15.17 -15.76 15.95
N GLU A 579 -15.24 -14.46 15.67
CA GLU A 579 -15.28 -14.02 14.28
C GLU A 579 -14.08 -14.58 13.52
N ILE A 580 -12.90 -14.48 14.12
CA ILE A 580 -11.71 -14.99 13.45
C ILE A 580 -11.93 -16.45 13.08
N ARG A 581 -12.41 -17.23 14.06
CA ARG A 581 -12.63 -18.65 13.84
C ARG A 581 -13.53 -18.84 12.64
N LYS A 582 -14.62 -18.08 12.59
CA LYS A 582 -15.54 -18.23 11.47
C LYS A 582 -14.78 -18.09 10.16
N LEU A 583 -14.04 -16.99 10.04
CA LEU A 583 -13.32 -16.76 8.78
C LEU A 583 -12.42 -17.93 8.47
N VAL A 584 -11.67 -18.39 9.49
CA VAL A 584 -10.72 -19.47 9.27
C VAL A 584 -11.45 -20.67 8.71
N GLU A 585 -12.57 -21.01 9.33
CA GLU A 585 -13.31 -22.19 8.89
C GLU A 585 -13.73 -22.02 7.44
N ARG A 586 -14.21 -20.83 7.09
CA ARG A 586 -14.57 -20.61 5.69
C ARG A 586 -13.41 -20.97 4.81
N ARG A 587 -12.24 -20.41 5.12
CA ARG A 587 -11.08 -20.68 4.27
C ARG A 587 -10.83 -22.17 4.20
N ARG A 588 -10.92 -22.86 5.33
CA ARG A 588 -10.62 -24.28 5.34
C ARG A 588 -11.56 -25.02 4.40
N HIS A 589 -12.84 -24.67 4.44
CA HIS A 589 -13.78 -25.32 3.55
C HIS A 589 -13.38 -25.10 2.10
N VAL A 590 -13.02 -23.86 1.77
CA VAL A 590 -12.63 -23.59 0.39
C VAL A 590 -11.45 -24.47 0.03
N LYS A 591 -10.50 -24.62 0.95
CA LYS A 591 -9.32 -25.45 0.66
C LYS A 591 -9.75 -26.88 0.39
N GLN A 592 -10.69 -27.39 1.19
CA GLN A 592 -11.18 -28.73 0.94
C GLN A 592 -11.73 -28.84 -0.48
N LEU A 593 -12.49 -27.83 -0.90
CA LEU A 593 -12.98 -27.84 -2.28
C LEU A 593 -11.81 -27.91 -3.25
N MET A 594 -10.78 -27.10 -3.00
CA MET A 594 -9.61 -27.09 -3.86
C MET A 594 -8.97 -28.47 -3.94
N LYS A 595 -9.13 -29.27 -2.88
CA LYS A 595 -8.51 -30.59 -2.84
C LYS A 595 -9.29 -31.64 -3.61
N GLN A 596 -10.45 -31.29 -4.17
CA GLN A 596 -11.23 -32.27 -4.89
C GLN A 596 -10.43 -32.81 -6.07
N PRO A 597 -10.42 -34.12 -6.30
CA PRO A 597 -9.67 -34.67 -7.43
C PRO A 597 -10.40 -34.47 -8.76
N ASP A 598 -9.61 -34.34 -9.82
CA ASP A 598 -10.13 -34.16 -11.17
C ASP A 598 -11.03 -32.93 -11.24
N LEU A 599 -10.44 -31.77 -10.98
CA LEU A 599 -11.13 -30.49 -10.99
C LEU A 599 -10.62 -29.63 -12.14
N ASN A 600 -11.51 -28.82 -12.69
CA ASN A 600 -11.14 -28.01 -13.83
C ASN A 600 -10.03 -27.03 -13.44
N PRO A 601 -9.08 -26.76 -14.33
CA PRO A 601 -8.02 -25.79 -13.98
C PRO A 601 -8.57 -24.42 -13.62
N ASP A 602 -9.34 -23.81 -14.52
CA ASP A 602 -9.82 -22.46 -14.28
C ASP A 602 -10.55 -22.38 -12.94
N LEU A 603 -11.51 -23.27 -12.72
CA LEU A 603 -12.23 -23.28 -11.45
C LEU A 603 -11.27 -23.37 -10.28
N TYR A 604 -10.29 -24.28 -10.38
CA TYR A 604 -9.29 -24.39 -9.33
C TYR A 604 -8.67 -23.02 -9.05
N LEU A 605 -8.24 -22.34 -10.10
CA LEU A 605 -7.62 -21.04 -9.93
C LEU A 605 -8.57 -20.10 -9.18
N GLN A 606 -9.84 -20.09 -9.60
CA GLN A 606 -10.81 -19.24 -8.92
C GLN A 606 -10.82 -19.55 -7.43
N TYR A 607 -10.89 -20.84 -7.10
CA TYR A 607 -10.92 -21.21 -5.69
C TYR A 607 -9.69 -20.67 -4.99
N ASP A 608 -8.53 -20.81 -5.63
CA ASP A 608 -7.31 -20.30 -5.02
C ASP A 608 -7.47 -18.83 -4.69
N ILE A 609 -7.95 -18.05 -5.66
CA ILE A 609 -8.12 -16.62 -5.42
C ILE A 609 -9.01 -16.42 -4.21
N ARG A 610 -10.12 -17.15 -4.16
CA ARG A 610 -11.03 -17.01 -3.04
C ARG A 610 -10.29 -17.24 -1.73
N GLN A 611 -9.53 -18.33 -1.67
CA GLN A 611 -8.78 -18.65 -0.47
C GLN A 611 -7.93 -17.45 -0.09
N LYS A 612 -7.17 -16.93 -1.05
CA LYS A 612 -6.28 -15.82 -0.75
C LYS A 612 -7.09 -14.70 -0.13
N ALA A 613 -8.21 -14.35 -0.75
CA ALA A 613 -9.01 -13.25 -0.26
C ALA A 613 -9.33 -13.47 1.20
N LEU A 614 -9.85 -14.65 1.52
CA LEU A 614 -10.28 -14.90 2.90
C LEU A 614 -9.09 -14.77 3.84
N LYS A 615 -7.95 -15.33 3.45
CA LYS A 615 -6.78 -15.22 4.29
C LYS A 615 -6.49 -13.76 4.58
N LEU A 616 -6.48 -12.95 3.52
CA LEU A 616 -6.18 -11.54 3.69
C LEU A 616 -7.17 -10.93 4.66
N THR A 617 -8.45 -11.27 4.51
CA THR A 617 -9.45 -10.70 5.40
C THR A 617 -9.05 -10.95 6.84
N ALA A 618 -8.74 -12.20 7.16
CA ALA A 618 -8.37 -12.52 8.54
C ALA A 618 -7.15 -11.71 8.97
N ASN A 619 -6.16 -11.65 8.08
CA ASN A 619 -4.94 -10.94 8.44
C ASN A 619 -5.25 -9.49 8.72
N SER A 620 -6.18 -8.90 7.96
CA SER A 620 -6.55 -7.52 8.19
C SER A 620 -7.29 -7.38 9.51
N MET A 621 -8.14 -8.36 9.82
CA MET A 621 -8.81 -8.34 11.12
C MET A 621 -7.77 -8.27 12.23
N TYR A 622 -6.59 -8.82 11.96
CA TYR A 622 -5.50 -8.62 12.93
C TYR A 622 -4.89 -7.23 12.80
N GLY A 623 -4.52 -6.85 11.58
CA GLY A 623 -3.69 -5.67 11.39
C GLY A 623 -4.37 -4.39 11.78
N CYS A 624 -5.69 -4.31 11.60
CA CYS A 624 -6.43 -3.11 11.99
C CYS A 624 -6.25 -2.82 13.48
N LEU A 625 -5.98 -3.84 14.28
CA LEU A 625 -5.77 -3.62 15.70
C LEU A 625 -4.63 -2.65 15.95
N GLY A 626 -3.72 -2.50 14.99
CA GLY A 626 -2.65 -1.54 15.09
C GLY A 626 -2.67 -0.52 13.98
N PHE A 627 -3.86 -0.13 13.55
CA PHE A 627 -4.03 0.90 12.52
C PHE A 627 -4.40 2.20 13.18
N SER A 628 -3.51 3.20 13.08
CA SER A 628 -3.67 4.44 13.83
C SER A 628 -5.05 5.05 13.61
N TYR A 629 -5.49 5.12 12.35
CA TYR A 629 -6.76 5.74 12.00
C TYR A 629 -7.91 4.75 11.93
N SER A 630 -7.84 3.66 12.69
CA SER A 630 -8.91 2.67 12.72
C SER A 630 -9.92 2.99 13.81
N ARG A 631 -11.15 2.54 13.60
CA ARG A 631 -12.19 2.66 14.61
C ARG A 631 -11.97 1.75 15.80
N PHE A 632 -11.02 0.82 15.71
CA PHE A 632 -10.76 -0.18 16.74
C PHE A 632 -9.28 -0.27 17.04
N TYR A 633 -8.65 0.88 17.21
CA TYR A 633 -7.22 0.94 17.53
C TYR A 633 -6.97 0.31 18.89
N ALA A 634 -6.26 -0.81 18.91
CA ALA A 634 -5.95 -1.53 20.13
C ALA A 634 -4.50 -1.98 20.11
N LYS A 635 -3.59 -1.04 19.85
CA LYS A 635 -2.15 -1.34 19.75
C LYS A 635 -1.65 -2.34 20.78
N PRO A 636 -2.02 -2.26 22.06
CA PRO A 636 -1.60 -3.29 23.00
C PRO A 636 -1.89 -4.69 22.48
N LEU A 637 -3.15 -4.96 22.16
CA LEU A 637 -3.55 -6.30 21.72
C LEU A 637 -2.66 -6.79 20.59
N ALA A 638 -2.53 -5.99 19.54
CA ALA A 638 -1.71 -6.39 18.40
C ALA A 638 -0.30 -6.70 18.86
N ALA A 639 0.28 -5.82 19.67
CA ALA A 639 1.63 -6.08 20.17
C ALA A 639 1.66 -7.47 20.79
N LEU A 640 0.71 -7.74 21.68
CA LEU A 640 0.68 -9.02 22.36
C LEU A 640 0.68 -10.15 21.35
N VAL A 641 -0.20 -10.03 20.35
CA VAL A 641 -0.27 -11.07 19.32
C VAL A 641 1.13 -11.35 18.81
N THR A 642 1.78 -10.30 18.30
CA THR A 642 3.10 -10.49 17.72
C THR A 642 4.04 -11.14 18.72
N HIS A 643 3.99 -10.67 19.97
CA HIS A 643 4.91 -11.20 20.97
C HIS A 643 4.72 -12.70 21.10
N GLN A 644 3.47 -13.11 21.24
CA GLN A 644 3.20 -14.54 21.37
C GLN A 644 3.75 -15.27 20.17
N GLY A 645 3.54 -14.73 18.98
CA GLY A 645 4.04 -15.40 17.80
C GLY A 645 5.53 -15.62 17.90
N ARG A 646 6.25 -14.57 18.28
CA ARG A 646 7.69 -14.70 18.44
C ARG A 646 8.00 -15.83 19.39
N GLU A 647 7.36 -15.82 20.56
CA GLU A 647 7.63 -16.86 21.54
C GLU A 647 7.46 -18.22 20.91
N ILE A 648 6.35 -18.39 20.18
CA ILE A 648 6.05 -19.69 19.60
C ILE A 648 7.19 -20.11 18.71
N LEU A 649 7.61 -19.22 17.82
CA LEU A 649 8.69 -19.57 16.90
C LEU A 649 9.90 -20.01 17.70
N LEU A 650 10.26 -19.23 18.72
CA LEU A 650 11.45 -19.57 19.49
C LEU A 650 11.31 -20.98 20.01
N HIS A 651 10.19 -21.26 20.65
CA HIS A 651 10.00 -22.58 21.24
C HIS A 651 10.18 -23.65 20.19
N THR A 652 9.56 -23.46 19.03
CA THR A 652 9.62 -24.49 18.01
C THR A 652 11.07 -24.74 17.62
N LYS A 653 11.82 -23.66 17.41
CA LYS A 653 13.23 -23.82 17.05
C LYS A 653 13.93 -24.64 18.11
N GLU A 654 13.72 -24.27 19.38
CA GLU A 654 14.37 -24.99 20.45
C GLU A 654 14.05 -26.47 20.35
N MET A 655 12.78 -26.79 20.14
CA MET A 655 12.39 -28.19 20.09
C MET A 655 13.12 -28.90 18.96
N VAL A 656 13.17 -28.26 17.79
CA VAL A 656 13.85 -28.90 16.68
C VAL A 656 15.29 -29.20 17.06
N GLN A 657 15.93 -28.24 17.73
CA GLN A 657 17.33 -28.46 18.09
C GLN A 657 17.46 -29.55 19.13
N LYS A 658 16.47 -29.67 20.02
CA LYS A 658 16.46 -30.76 20.98
C LYS A 658 16.29 -32.10 20.28
N MET A 659 15.73 -32.12 19.08
CA MET A 659 15.65 -33.34 18.31
C MET A 659 16.93 -33.61 17.51
N ASN A 660 17.97 -32.80 17.71
CA ASN A 660 19.26 -32.99 17.06
C ASN A 660 19.17 -32.79 15.55
N LEU A 661 18.23 -31.97 15.09
CA LEU A 661 18.15 -31.56 13.70
C LEU A 661 18.88 -30.22 13.53
N GLU A 662 18.85 -29.69 12.31
CA GLU A 662 19.46 -28.41 12.00
C GLU A 662 18.40 -27.45 11.49
N VAL A 663 18.37 -26.25 12.06
CA VAL A 663 17.44 -25.20 11.65
C VAL A 663 18.24 -24.09 10.98
N ILE A 664 17.83 -23.71 9.77
CA ILE A 664 18.60 -22.80 8.95
C ILE A 664 17.83 -21.55 8.54
N TYR A 665 16.54 -21.44 8.85
CA TYR A 665 15.78 -20.25 8.48
C TYR A 665 14.39 -20.33 9.08
N GLY A 666 13.78 -19.16 9.28
CA GLY A 666 12.41 -19.07 9.73
C GLY A 666 11.90 -17.65 9.68
N ASP A 667 10.71 -17.43 9.11
CA ASP A 667 10.15 -16.10 8.96
C ASP A 667 8.78 -16.04 9.65
N THR A 668 8.83 -15.87 10.97
CA THR A 668 7.70 -15.46 11.80
C THR A 668 6.62 -16.54 11.98
N ASP A 669 6.63 -17.57 11.14
CA ASP A 669 5.80 -18.73 11.42
C ASP A 669 6.37 -20.04 10.91
N SER A 670 7.57 -20.05 10.32
CA SER A 670 8.07 -21.20 9.59
C SER A 670 9.47 -21.56 10.04
N ILE A 671 9.83 -22.83 9.81
CA ILE A 671 11.16 -23.33 10.09
C ILE A 671 11.61 -24.20 8.93
N MET A 672 12.83 -23.96 8.45
CA MET A 672 13.45 -24.81 7.44
C MET A 672 14.46 -25.73 8.13
N ILE A 673 14.33 -27.03 7.89
CA ILE A 673 15.15 -28.04 8.52
C ILE A 673 15.96 -28.73 7.44
N ASN A 674 17.27 -28.85 7.67
CA ASN A 674 18.17 -29.56 6.76
C ASN A 674 18.12 -31.04 7.12
N THR A 675 17.34 -31.81 6.35
CA THR A 675 17.16 -33.22 6.68
C THR A 675 18.47 -33.99 6.56
N ASN A 676 19.39 -33.52 5.73
CA ASN A 676 20.66 -34.22 5.51
C ASN A 676 20.42 -35.66 5.05
N CYS A 677 19.43 -35.83 4.18
CA CYS A 677 19.05 -37.14 3.68
C CYS A 677 18.65 -37.03 2.22
N ASN A 678 18.61 -38.19 1.55
CA ASN A 678 18.21 -38.25 0.16
C ASN A 678 17.09 -39.25 -0.09
N ASN A 679 16.54 -39.87 0.95
CA ASN A 679 15.44 -40.82 0.81
C ASN A 679 14.15 -40.09 1.13
N LEU A 680 13.41 -39.70 0.08
CA LEU A 680 12.22 -38.87 0.25
C LEU A 680 11.29 -39.45 1.30
N GLU A 681 10.98 -40.75 1.20
CA GLU A 681 10.08 -41.37 2.16
C GLU A 681 10.52 -41.07 3.59
N GLU A 682 11.80 -41.34 3.89
CA GLU A 682 12.30 -41.08 5.23
C GLU A 682 12.07 -39.62 5.62
N VAL A 683 12.36 -38.71 4.70
CA VAL A 683 12.14 -37.30 5.00
C VAL A 683 10.71 -37.09 5.44
N PHE A 684 9.76 -37.63 4.66
CA PHE A 684 8.35 -37.46 5.02
C PHE A 684 8.10 -38.02 6.41
N LYS A 685 8.66 -39.18 6.72
CA LYS A 685 8.49 -39.75 8.04
C LYS A 685 8.89 -38.72 9.09
N LEU A 686 10.10 -38.18 8.94
CA LEU A 686 10.58 -37.20 9.90
C LEU A 686 9.60 -36.04 9.99
N GLY A 687 9.11 -35.58 8.85
CA GLY A 687 8.16 -34.51 8.84
C GLY A 687 7.11 -34.91 9.85
N ASN A 688 6.36 -35.96 9.51
CA ASN A 688 5.27 -36.36 10.37
C ASN A 688 5.70 -36.29 11.83
N ARG A 689 6.84 -36.91 12.14
CA ARG A 689 7.23 -37.03 13.53
C ARG A 689 7.26 -35.65 14.19
N VAL A 690 8.13 -34.78 13.68
CA VAL A 690 8.27 -33.47 14.28
C VAL A 690 6.93 -32.76 14.29
N LYS A 691 6.15 -32.89 13.21
CA LYS A 691 4.86 -32.24 13.16
C LYS A 691 4.10 -32.60 14.44
N SER A 692 3.89 -33.89 14.64
CA SER A 692 3.14 -34.35 15.80
C SER A 692 3.74 -33.76 17.06
N GLU A 693 5.07 -33.84 17.19
CA GLU A 693 5.70 -33.36 18.40
C GLU A 693 5.25 -31.94 18.69
N ILE A 694 5.37 -31.06 17.68
CA ILE A 694 5.01 -29.67 17.87
C ILE A 694 3.55 -29.56 18.27
N ASN A 695 2.68 -30.26 17.52
CA ASN A 695 1.26 -30.15 17.80
C ASN A 695 0.95 -30.53 19.23
N LYS A 696 1.77 -31.42 19.80
CA LYS A 696 1.49 -31.93 21.13
C LYS A 696 1.48 -30.84 22.18
N SER A 697 2.05 -29.67 21.88
CA SER A 697 2.12 -28.58 22.85
C SER A 697 0.97 -27.59 22.73
N TYR A 698 0.17 -27.66 21.66
CA TYR A 698 -0.86 -26.66 21.41
C TYR A 698 -2.21 -27.31 21.19
N LYS A 699 -3.26 -26.52 21.40
CA LYS A 699 -4.64 -27.00 21.24
C LYS A 699 -5.18 -26.72 19.85
N LEU A 700 -5.20 -25.44 19.46
CA LEU A 700 -5.73 -25.05 18.15
C LEU A 700 -4.65 -24.78 17.13
N LEU A 701 -3.45 -24.40 17.55
CA LEU A 701 -2.37 -24.18 16.61
C LEU A 701 -1.95 -25.49 15.96
N GLU A 702 -1.55 -25.40 14.69
CA GLU A 702 -1.14 -26.57 13.93
C GLU A 702 0.02 -26.20 13.03
N ILE A 703 0.89 -27.17 12.79
CA ILE A 703 2.03 -27.02 11.90
C ILE A 703 1.95 -28.09 10.83
N ASP A 704 2.32 -27.74 9.60
CA ASP A 704 2.19 -28.65 8.47
C ASP A 704 3.40 -28.51 7.56
N ILE A 705 3.56 -29.49 6.68
CA ILE A 705 4.66 -29.50 5.73
C ILE A 705 4.26 -28.59 4.57
N ASP A 706 4.89 -27.41 4.50
CA ASP A 706 4.59 -26.45 3.46
C ASP A 706 5.37 -26.68 2.18
N GLY A 707 6.26 -27.67 2.16
CA GLY A 707 7.00 -27.99 0.96
C GLY A 707 8.28 -28.74 1.23
N ILE A 708 8.67 -29.60 0.29
CA ILE A 708 9.93 -30.32 0.33
C ILE A 708 10.78 -29.82 -0.83
N PHE A 709 11.89 -29.15 -0.51
CA PHE A 709 12.77 -28.59 -1.52
C PHE A 709 13.88 -29.60 -1.83
N LYS A 710 14.01 -29.99 -3.09
CA LYS A 710 15.10 -30.87 -3.47
C LYS A 710 16.45 -30.17 -3.31
N SER A 711 16.54 -28.92 -3.75
CA SER A 711 17.74 -28.12 -3.58
C SER A 711 17.33 -26.72 -3.12
N LEU A 712 18.25 -26.05 -2.42
CA LEU A 712 17.98 -24.74 -1.86
C LEU A 712 19.19 -23.84 -2.06
N LEU A 713 18.92 -22.57 -2.38
CA LEU A 713 19.95 -21.54 -2.52
C LEU A 713 19.52 -20.37 -1.63
N LEU A 714 19.98 -20.38 -0.38
CA LEU A 714 19.56 -19.38 0.59
C LEU A 714 20.58 -18.25 0.61
N LEU A 715 20.19 -17.08 0.09
CA LEU A 715 21.10 -15.97 -0.07
C LEU A 715 21.07 -15.03 1.14
N LYS A 716 19.91 -14.47 1.44
CA LYS A 716 19.76 -13.53 2.54
C LYS A 716 18.36 -13.69 3.13
N LYS A 717 18.14 -13.00 4.24
CA LYS A 717 16.83 -12.99 4.87
C LYS A 717 15.75 -12.68 3.84
N LYS A 718 14.78 -13.58 3.71
CA LYS A 718 13.66 -13.38 2.80
C LYS A 718 14.13 -13.23 1.36
N LYS A 719 15.13 -14.01 0.97
CA LYS A 719 15.59 -14.05 -0.42
C LYS A 719 16.20 -15.43 -0.66
N TYR A 720 15.47 -16.28 -1.37
CA TYR A 720 15.95 -17.64 -1.62
C TYR A 720 15.22 -18.22 -2.83
N ALA A 721 15.73 -19.36 -3.29
CA ALA A 721 15.15 -20.11 -4.39
C ALA A 721 15.26 -21.60 -4.08
N ALA A 722 14.37 -22.39 -4.68
CA ALA A 722 14.32 -23.81 -4.39
C ALA A 722 13.60 -24.53 -5.51
N LEU A 723 13.66 -25.87 -5.45
CA LEU A 723 12.94 -26.75 -6.35
C LEU A 723 11.92 -27.52 -5.51
N THR A 724 10.69 -27.03 -5.45
CA THR A 724 9.66 -27.70 -4.68
C THR A 724 9.36 -29.07 -5.27
N VAL A 725 9.18 -30.05 -4.39
CA VAL A 725 8.97 -31.44 -4.79
C VAL A 725 7.49 -31.75 -4.62
N GLU A 726 6.81 -32.01 -5.74
CA GLU A 726 5.42 -32.41 -5.71
C GLU A 726 5.34 -33.90 -5.97
N PRO A 727 4.91 -34.72 -5.01
CA PRO A 727 4.90 -36.16 -5.23
C PRO A 727 3.71 -36.60 -6.07
N THR A 728 3.98 -37.47 -7.05
CA THR A 728 2.94 -38.01 -7.91
C THR A 728 2.45 -39.38 -7.47
N GLY A 729 3.30 -40.17 -6.84
CA GLY A 729 2.93 -41.49 -6.37
C GLY A 729 4.01 -42.51 -6.72
N ASP A 730 3.95 -43.66 -6.04
CA ASP A 730 4.88 -44.75 -6.27
C ASP A 730 6.34 -44.32 -6.07
N GLY A 731 6.54 -43.29 -5.25
CA GLY A 731 7.87 -42.77 -4.99
C GLY A 731 8.35 -41.75 -6.01
N LYS A 732 7.67 -41.61 -7.14
CA LYS A 732 8.05 -40.63 -8.14
C LYS A 732 7.56 -39.24 -7.73
N TYR A 733 8.21 -38.22 -8.28
CA TYR A 733 7.87 -36.84 -7.93
C TYR A 733 8.34 -35.92 -9.05
N VAL A 734 7.65 -34.80 -9.19
CA VAL A 734 8.03 -33.75 -10.12
C VAL A 734 8.62 -32.59 -9.32
N THR A 735 9.40 -31.76 -9.99
CA THR A 735 10.05 -30.62 -9.38
C THR A 735 9.60 -29.34 -10.06
N LYS A 736 9.27 -28.33 -9.27
CA LYS A 736 8.82 -27.04 -9.77
C LYS A 736 9.68 -25.94 -9.17
N GLN A 737 10.18 -25.04 -10.01
CA GLN A 737 11.04 -23.97 -9.55
C GLN A 737 10.23 -22.95 -8.76
N GLU A 738 10.75 -22.54 -7.61
CA GLU A 738 10.09 -21.57 -6.75
C GLU A 738 11.10 -20.52 -6.31
N LEU A 739 10.72 -19.25 -6.39
CA LEU A 739 11.58 -18.14 -6.03
C LEU A 739 10.85 -17.24 -5.05
N LYS A 740 11.58 -16.72 -4.06
CA LYS A 740 10.99 -15.86 -3.03
C LYS A 740 11.96 -14.73 -2.73
N GLY A 741 11.65 -13.54 -3.22
CA GLY A 741 12.39 -12.35 -2.86
C GLY A 741 13.57 -12.01 -3.75
N LEU A 742 13.94 -12.88 -4.68
CA LEU A 742 15.06 -12.58 -5.55
C LEU A 742 14.72 -11.43 -6.48
N ASP A 743 15.76 -10.73 -6.93
CA ASP A 743 15.54 -9.63 -7.87
C ASP A 743 14.83 -10.12 -9.12
N ILE A 744 14.96 -11.40 -9.46
CA ILE A 744 14.32 -11.95 -10.65
C ILE A 744 12.81 -11.86 -10.54
N VAL A 745 12.26 -11.71 -9.34
CA VAL A 745 10.82 -11.60 -9.15
C VAL A 745 10.47 -10.18 -8.70
N ARG A 746 11.29 -9.21 -9.10
CA ARG A 746 11.03 -7.82 -8.81
C ARG A 746 10.87 -7.04 -10.11
N ARG A 747 9.99 -6.04 -10.08
CA ARG A 747 9.63 -5.29 -11.29
C ARG A 747 10.54 -4.11 -11.57
N ASP A 748 11.48 -3.80 -10.68
CA ASP A 748 12.34 -2.63 -10.83
C ASP A 748 13.65 -2.95 -11.54
N TRP A 749 13.78 -4.14 -12.14
CA TRP A 749 14.96 -4.53 -12.88
C TRP A 749 14.59 -4.82 -14.33
N CYS A 750 15.55 -4.56 -15.23
CA CYS A 750 15.29 -4.76 -16.64
C CYS A 750 15.07 -6.23 -16.93
N GLU A 751 14.06 -6.51 -17.76
CA GLU A 751 13.69 -7.90 -18.04
C GLU A 751 14.89 -8.72 -18.47
N LEU A 752 15.73 -8.16 -19.34
CA LEU A 752 16.96 -8.84 -19.73
C LEU A 752 17.63 -9.47 -18.52
N ALA A 753 18.05 -8.62 -17.58
CA ALA A 753 18.75 -9.10 -16.40
C ALA A 753 17.96 -10.21 -15.74
N LYS A 754 16.65 -10.00 -15.55
CA LYS A 754 15.84 -11.01 -14.89
C LYS A 754 16.02 -12.35 -15.58
N GLN A 755 15.84 -12.38 -16.90
CA GLN A 755 15.97 -13.62 -17.63
C GLN A 755 17.33 -14.24 -17.39
N ALA A 756 18.39 -13.42 -17.46
CA ALA A 756 19.72 -13.96 -17.23
C ALA A 756 19.75 -14.68 -15.90
N GLY A 757 19.30 -13.98 -14.86
CA GLY A 757 19.32 -14.57 -13.53
C GLY A 757 18.55 -15.87 -13.49
N ASN A 758 17.39 -15.89 -14.16
CA ASN A 758 16.59 -17.09 -14.15
C ASN A 758 17.38 -18.25 -14.72
N TYR A 759 18.03 -18.02 -15.86
CA TYR A 759 18.88 -19.06 -16.43
C TYR A 759 19.90 -19.52 -15.42
N VAL A 760 20.56 -18.57 -14.77
CA VAL A 760 21.60 -18.94 -13.82
C VAL A 760 21.01 -19.83 -12.75
N ILE A 761 19.82 -19.48 -12.26
CA ILE A 761 19.20 -20.26 -11.21
C ILE A 761 18.93 -21.67 -11.70
N SER A 762 18.40 -21.77 -12.93
CA SER A 762 18.10 -23.09 -13.48
C SER A 762 19.36 -23.92 -13.56
N GLN A 763 20.51 -23.28 -13.75
CA GLN A 763 21.75 -24.03 -13.80
C GLN A 763 22.21 -24.41 -12.40
N ILE A 764 22.01 -23.52 -11.43
CA ILE A 764 22.56 -23.74 -10.09
C ILE A 764 21.77 -24.81 -9.36
N LEU A 765 20.46 -24.85 -9.56
CA LEU A 765 19.59 -25.75 -8.82
C LEU A 765 19.46 -27.12 -9.46
N SER A 766 20.11 -27.37 -10.59
CA SER A 766 20.01 -28.64 -11.28
C SER A 766 20.94 -29.66 -10.60
N ASP A 767 21.11 -30.81 -11.25
CA ASP A 767 21.96 -31.89 -10.74
C ASP A 767 23.22 -32.09 -11.55
N GLN A 768 23.53 -31.17 -12.46
CA GLN A 768 24.72 -31.31 -13.29
C GLN A 768 25.98 -31.11 -12.45
N PRO A 769 27.11 -31.68 -12.86
CA PRO A 769 28.35 -31.45 -12.13
C PRO A 769 28.71 -29.97 -12.11
N ARG A 770 29.18 -29.52 -10.94
CA ARG A 770 29.35 -28.09 -10.72
C ARG A 770 30.18 -27.45 -11.82
N ASP A 771 31.30 -28.07 -12.19
CA ASP A 771 32.15 -27.49 -13.22
C ASP A 771 31.33 -27.18 -14.47
N SER A 772 30.60 -28.18 -14.96
CA SER A 772 29.79 -27.96 -16.15
C SER A 772 28.83 -26.80 -15.92
N ILE A 773 28.17 -26.77 -14.76
CA ILE A 773 27.28 -25.66 -14.45
C ILE A 773 27.99 -24.36 -14.74
N VAL A 774 29.16 -24.18 -14.12
CA VAL A 774 29.88 -22.92 -14.27
C VAL A 774 30.12 -22.64 -15.74
N GLU A 775 30.57 -23.66 -16.47
CA GLU A 775 30.86 -23.45 -17.88
C GLU A 775 29.63 -22.88 -18.58
N ASN A 776 28.49 -23.54 -18.37
CA ASN A 776 27.27 -23.10 -19.03
C ASN A 776 26.98 -21.66 -18.68
N ILE A 777 27.12 -21.33 -17.39
CA ILE A 777 26.82 -19.96 -16.97
C ILE A 777 27.67 -19.01 -17.80
N GLN A 778 28.98 -19.28 -17.84
CA GLN A 778 29.87 -18.41 -18.60
C GLN A 778 29.35 -18.24 -20.00
N LYS A 779 29.05 -19.36 -20.66
CA LYS A 779 28.61 -19.28 -22.04
C LYS A 779 27.44 -18.32 -22.15
N LYS A 780 26.43 -18.54 -21.32
CA LYS A 780 25.23 -17.73 -21.43
C LYS A 780 25.58 -16.26 -21.27
N LEU A 781 26.41 -15.95 -20.28
CA LEU A 781 26.71 -14.56 -20.01
C LEU A 781 27.38 -13.95 -21.23
N THR A 782 28.32 -14.67 -21.83
CA THR A 782 28.99 -14.13 -23.00
C THR A 782 27.98 -13.88 -24.11
N GLU A 783 27.06 -14.82 -24.29
CA GLU A 783 26.02 -14.64 -25.29
C GLU A 783 25.32 -13.32 -25.04
N ILE A 784 24.89 -13.09 -23.79
CA ILE A 784 24.19 -11.87 -23.46
C ILE A 784 25.03 -10.67 -23.86
N GLY A 785 26.32 -10.72 -23.49
CA GLY A 785 27.18 -9.60 -23.82
C GLY A 785 27.11 -9.28 -25.29
N GLU A 786 27.30 -10.31 -26.12
CA GLU A 786 27.27 -10.08 -27.55
C GLU A 786 25.93 -9.51 -27.98
N ASN A 787 24.85 -10.08 -27.46
CA ASN A 787 23.53 -9.64 -27.87
C ASN A 787 23.30 -8.18 -27.53
N VAL A 788 23.99 -7.69 -26.50
CA VAL A 788 23.87 -6.28 -26.16
C VAL A 788 24.76 -5.45 -27.08
N THR A 789 25.98 -5.93 -27.34
CA THR A 789 26.92 -5.14 -28.11
C THR A 789 26.43 -4.93 -29.53
N ASN A 790 25.80 -5.95 -30.11
CA ASN A 790 25.23 -5.83 -31.44
C ASN A 790 23.83 -5.21 -31.45
N GLY A 791 23.28 -4.92 -30.28
CA GLY A 791 21.95 -4.33 -30.22
C GLY A 791 20.85 -5.21 -30.76
N THR A 792 21.00 -6.53 -30.65
CA THR A 792 19.99 -7.45 -31.15
C THR A 792 18.84 -7.65 -30.19
N VAL A 793 19.03 -7.35 -28.90
CA VAL A 793 17.97 -7.65 -27.92
C VAL A 793 16.74 -6.81 -28.23
N PRO A 794 15.53 -7.35 -28.11
CA PRO A 794 14.33 -6.52 -28.36
C PRO A 794 14.27 -5.34 -27.41
N ILE A 795 13.81 -4.20 -27.94
CA ILE A 795 13.74 -2.99 -27.14
C ILE A 795 12.87 -3.20 -25.91
N THR A 796 11.83 -4.03 -26.03
CA THR A 796 10.93 -4.26 -24.90
C THR A 796 11.67 -4.80 -23.69
N GLN A 797 12.81 -5.45 -23.90
CA GLN A 797 13.55 -6.04 -22.79
C GLN A 797 14.44 -5.03 -22.07
N TYR A 798 14.54 -3.80 -22.56
CA TYR A 798 15.37 -2.78 -21.94
C TYR A 798 14.59 -1.89 -20.98
N GLU A 799 13.32 -2.17 -20.74
CA GLU A 799 12.46 -1.30 -19.97
C GLU A 799 12.55 -1.62 -18.48
N ILE A 800 12.44 -0.57 -17.66
CA ILE A 800 12.38 -0.69 -16.21
C ILE A 800 11.09 -0.01 -15.76
N ASN A 801 10.33 -0.68 -14.90
CA ASN A 801 9.02 -0.22 -14.46
C ASN A 801 9.06 0.17 -12.99
N LYS A 802 8.41 1.29 -12.67
CA LYS A 802 8.36 1.76 -11.28
C LYS A 802 7.04 2.49 -11.06
N ALA A 803 6.50 2.34 -9.85
CA ALA A 803 5.24 2.95 -9.49
C ALA A 803 5.45 4.27 -8.75
N LEU A 804 4.44 5.12 -8.79
CA LEU A 804 4.47 6.43 -8.15
C LEU A 804 3.61 6.41 -6.89
N THR A 805 4.24 6.69 -5.75
CA THR A 805 3.49 6.78 -4.50
C THR A 805 2.71 8.08 -4.40
N LYS A 806 3.28 9.17 -4.90
CA LYS A 806 2.63 10.47 -4.91
C LYS A 806 2.43 10.92 -6.36
N ASP A 807 1.86 12.11 -6.52
CA ASP A 807 1.73 12.69 -7.84
C ASP A 807 3.10 13.10 -8.37
N PRO A 808 3.25 13.25 -9.68
CA PRO A 808 4.57 13.60 -10.22
C PRO A 808 5.13 14.89 -9.65
N GLN A 809 4.28 15.87 -9.35
CA GLN A 809 4.77 17.18 -8.91
C GLN A 809 5.31 17.17 -7.50
N ASP A 810 4.75 16.32 -6.62
CA ASP A 810 5.10 16.39 -5.20
C ASP A 810 6.57 16.03 -4.96
N TYR A 811 7.16 15.22 -5.82
CA TYR A 811 8.55 14.82 -5.62
C TYR A 811 9.46 16.03 -5.75
N PRO A 812 10.32 16.31 -4.76
CA PRO A 812 11.26 17.42 -4.88
C PRO A 812 12.53 17.11 -5.65
N ASP A 813 12.67 15.89 -6.17
CA ASP A 813 13.89 15.46 -6.85
C ASP A 813 13.59 15.10 -8.31
N LYS A 814 12.80 15.96 -8.96
CA LYS A 814 12.40 15.71 -10.34
C LYS A 814 13.55 15.31 -11.22
N LYS A 815 14.77 15.76 -10.90
CA LYS A 815 15.95 15.39 -11.68
C LYS A 815 16.52 14.04 -11.23
N SER A 816 16.74 13.88 -9.94
CA SER A 816 17.44 12.70 -9.45
C SER A 816 16.62 11.43 -9.64
N LEU A 817 15.30 11.52 -9.51
CA LEU A 817 14.46 10.34 -9.62
C LEU A 817 14.09 10.11 -11.08
N PRO A 818 14.50 8.99 -11.70
CA PRO A 818 14.26 8.82 -13.14
C PRO A 818 12.79 8.64 -13.50
N HIS A 819 12.12 7.71 -12.83
CA HIS A 819 10.74 7.44 -13.19
C HIS A 819 9.90 8.70 -13.10
N VAL A 820 10.08 9.47 -12.01
CA VAL A 820 9.36 10.73 -11.88
C VAL A 820 9.61 11.60 -13.10
N HIS A 821 10.87 11.74 -13.49
CA HIS A 821 11.19 12.52 -14.68
C HIS A 821 10.34 12.06 -15.85
N VAL A 822 10.32 10.74 -16.10
CA VAL A 822 9.55 10.25 -17.23
C VAL A 822 8.10 10.65 -17.09
N ALA A 823 7.56 10.49 -15.88
CA ALA A 823 6.16 10.85 -15.65
C ALA A 823 5.93 12.28 -16.04
N LEU A 824 6.84 13.17 -15.61
CA LEU A 824 6.69 14.58 -15.93
C LEU A 824 6.62 14.76 -17.43
N TRP A 825 7.53 14.11 -18.16
CA TRP A 825 7.51 14.24 -19.61
C TRP A 825 6.15 13.82 -20.15
N ILE A 826 5.63 12.71 -19.65
CA ILE A 826 4.35 12.22 -20.16
C ILE A 826 3.28 13.27 -19.91
N ASN A 827 3.27 13.86 -18.71
CA ASN A 827 2.25 14.85 -18.39
C ASN A 827 2.42 16.08 -19.25
N SER A 828 3.65 16.34 -19.71
CA SER A 828 3.91 17.45 -20.63
C SER A 828 3.42 17.13 -22.03
N GLN A 829 3.34 15.86 -22.39
CA GLN A 829 2.85 15.50 -23.71
C GLN A 829 1.33 15.70 -23.77
N GLY A 830 0.76 15.38 -24.93
CA GLY A 830 -0.65 15.62 -25.17
C GLY A 830 -1.52 14.40 -25.07
N GLY A 831 -1.30 13.58 -24.03
CA GLY A 831 -2.08 12.38 -23.84
C GLY A 831 -2.63 12.28 -22.43
N ARG A 832 -3.17 11.11 -22.09
CA ARG A 832 -3.71 10.90 -20.75
C ARG A 832 -2.60 11.05 -19.71
N LYS A 833 -2.93 11.73 -18.62
CA LYS A 833 -1.94 12.03 -17.60
C LYS A 833 -1.70 10.82 -16.70
N VAL A 834 -0.56 10.84 -16.01
CA VAL A 834 -0.18 9.78 -15.09
C VAL A 834 -0.26 10.33 -13.67
N LYS A 835 -0.91 9.59 -12.78
CA LYS A 835 -1.17 10.03 -11.41
C LYS A 835 -0.66 8.97 -10.44
N ALA A 836 -0.76 9.29 -9.15
CA ALA A 836 -0.22 8.42 -8.12
C ALA A 836 -0.81 7.02 -8.26
N GLY A 837 0.06 6.01 -8.17
CA GLY A 837 -0.32 4.63 -8.33
C GLY A 837 -0.16 4.10 -9.74
N ASP A 838 0.06 4.96 -10.72
CA ASP A 838 0.22 4.52 -12.10
C ASP A 838 1.68 4.18 -12.36
N THR A 839 1.94 2.95 -12.80
CA THR A 839 3.29 2.52 -13.10
C THR A 839 3.78 3.17 -14.38
N ILE A 840 5.07 3.51 -14.39
CA ILE A 840 5.72 4.14 -15.53
C ILE A 840 6.91 3.28 -15.93
N SER A 841 7.07 3.09 -17.24
CA SER A 841 8.16 2.32 -17.81
C SER A 841 9.11 3.26 -18.52
N TYR A 842 10.41 3.12 -18.24
CA TYR A 842 11.42 4.01 -18.80
C TYR A 842 12.65 3.21 -19.21
N VAL A 843 13.45 3.81 -20.09
CA VAL A 843 14.71 3.25 -20.53
C VAL A 843 15.80 4.28 -20.30
N ILE A 844 17.02 3.80 -20.09
CA ILE A 844 18.18 4.66 -19.87
C ILE A 844 19.01 4.66 -21.14
N CYS A 845 19.31 5.86 -21.65
CA CYS A 845 19.84 6.04 -22.98
C CYS A 845 21.04 6.99 -22.93
N GLN A 846 21.62 7.24 -24.11
CA GLN A 846 22.74 8.17 -24.27
C GLN A 846 22.29 9.37 -25.09
N ASP A 847 22.71 10.55 -24.66
CA ASP A 847 22.35 11.78 -25.37
C ASP A 847 23.52 12.74 -25.52
N GLY A 848 24.70 12.42 -25.00
CA GLY A 848 25.80 13.35 -25.00
C GLY A 848 25.77 14.37 -23.88
N SER A 849 24.83 14.24 -22.94
CA SER A 849 24.72 15.19 -21.84
C SER A 849 25.83 14.99 -20.81
N ASN A 850 26.43 13.81 -20.74
CA ASN A 850 27.48 13.52 -19.77
C ASN A 850 26.98 13.66 -18.34
N LEU A 851 25.70 13.35 -18.12
CA LEU A 851 25.10 13.38 -16.79
C LEU A 851 25.02 11.97 -16.22
N SER A 852 24.62 11.90 -14.96
CA SER A 852 24.45 10.61 -14.30
C SER A 852 23.29 9.85 -14.91
N ALA A 853 23.36 8.52 -14.79
CA ALA A 853 22.31 7.67 -15.38
C ALA A 853 20.94 8.07 -14.87
N SER A 854 20.84 8.44 -13.60
CA SER A 854 19.55 8.78 -13.01
C SER A 854 18.87 9.95 -13.73
N GLN A 855 19.64 10.77 -14.43
CA GLN A 855 19.10 11.92 -15.15
C GLN A 855 18.89 11.66 -16.63
N ARG A 856 19.20 10.46 -17.12
CA ARG A 856 19.12 10.15 -18.54
C ARG A 856 17.97 9.19 -18.86
N ALA A 857 16.96 9.11 -18.00
CA ALA A 857 15.82 8.26 -18.29
C ALA A 857 14.99 8.85 -19.44
N TYR A 858 14.36 7.97 -20.19
CA TYR A 858 13.53 8.38 -21.32
C TYR A 858 12.44 7.35 -21.56
N ALA A 859 11.30 7.81 -22.04
CA ALA A 859 10.23 6.90 -22.40
C ALA A 859 10.59 6.13 -23.67
N GLN A 860 10.16 4.87 -23.72
CA GLN A 860 10.51 4.02 -24.86
C GLN A 860 10.12 4.67 -26.17
N GLU A 861 8.87 5.15 -26.26
CA GLU A 861 8.44 5.84 -27.47
C GLU A 861 9.41 6.94 -27.84
N GLN A 862 9.82 7.75 -26.86
CA GLN A 862 10.76 8.82 -27.14
C GLN A 862 12.01 8.28 -27.81
N LEU A 863 12.56 7.18 -27.29
CA LEU A 863 13.74 6.59 -27.90
C LEU A 863 13.45 6.19 -29.33
N GLN A 864 12.28 5.58 -29.58
CA GLN A 864 11.96 5.18 -30.94
C GLN A 864 11.75 6.38 -31.86
N LYS A 865 11.52 7.56 -31.29
CA LYS A 865 11.19 8.74 -32.09
C LYS A 865 12.42 9.61 -32.36
N GLN A 866 13.07 10.08 -31.30
CA GLN A 866 14.20 10.98 -31.48
C GLN A 866 15.37 10.27 -32.16
N GLU A 867 16.16 11.04 -32.90
CA GLU A 867 17.28 10.53 -33.66
C GLU A 867 18.61 10.74 -32.98
N ASN A 868 18.61 11.14 -31.71
CA ASN A 868 19.84 11.37 -30.95
C ASN A 868 20.00 10.44 -29.76
N LEU A 869 19.00 9.62 -29.46
CA LEU A 869 19.01 8.77 -28.27
C LEU A 869 19.29 7.33 -28.67
N SER A 870 20.23 6.70 -27.97
CA SER A 870 20.55 5.29 -28.16
C SER A 870 20.69 4.62 -26.80
N ILE A 871 20.36 3.33 -26.76
CA ILE A 871 20.37 2.62 -25.49
C ILE A 871 21.78 2.58 -24.92
N ASP A 872 21.89 2.82 -23.61
CA ASP A 872 23.18 2.87 -22.93
C ASP A 872 23.58 1.45 -22.55
N THR A 873 24.04 0.70 -23.56
CA THR A 873 24.48 -0.67 -23.37
C THR A 873 25.30 -0.81 -22.10
N GLN A 874 26.38 -0.03 -22.00
CA GLN A 874 27.24 -0.09 -20.82
C GLN A 874 26.41 -0.19 -19.55
N TYR A 875 25.52 0.79 -19.32
CA TYR A 875 24.77 0.81 -18.07
C TYR A 875 24.07 -0.52 -17.84
N TYR A 876 23.35 -1.01 -18.84
CA TYR A 876 22.59 -2.24 -18.64
C TYR A 876 23.50 -3.41 -18.34
N LEU A 877 24.71 -3.44 -18.92
CA LEU A 877 25.63 -4.52 -18.63
C LEU A 877 26.33 -4.36 -17.29
N SER A 878 26.34 -3.14 -16.74
CA SER A 878 27.17 -2.84 -15.58
C SER A 878 26.38 -2.73 -14.28
N GLN A 879 25.13 -2.30 -14.33
CA GLN A 879 24.35 -2.05 -13.14
C GLN A 879 23.02 -2.81 -13.11
N GLN A 880 22.72 -3.61 -14.13
CA GLN A 880 21.50 -4.40 -14.17
C GLN A 880 21.78 -5.90 -14.20
N VAL A 881 22.60 -6.35 -15.14
CA VAL A 881 22.90 -7.78 -15.24
C VAL A 881 23.92 -8.19 -14.19
N HIS A 882 25.04 -7.46 -14.14
CA HIS A 882 26.13 -7.86 -13.26
C HIS A 882 25.72 -7.90 -11.81
N PRO A 883 25.06 -6.89 -11.24
CA PRO A 883 24.68 -6.99 -9.83
C PRO A 883 23.86 -8.21 -9.53
N VAL A 884 22.72 -8.33 -10.23
CA VAL A 884 21.82 -9.45 -10.02
C VAL A 884 22.59 -10.77 -10.06
N VAL A 885 23.28 -11.01 -11.17
CA VAL A 885 23.99 -12.27 -11.32
C VAL A 885 24.93 -12.47 -10.14
N ALA A 886 25.67 -11.44 -9.77
CA ALA A 886 26.64 -11.59 -8.69
C ALA A 886 25.93 -12.02 -7.42
N ARG A 887 24.80 -11.38 -7.11
CA ARG A 887 24.11 -11.70 -5.87
C ARG A 887 23.54 -13.11 -5.93
N ILE A 888 23.27 -13.62 -7.13
CA ILE A 888 22.81 -14.99 -7.24
C ILE A 888 23.97 -15.97 -7.14
N CYS A 889 25.19 -15.53 -7.44
CA CYS A 889 26.34 -16.41 -7.48
C CYS A 889 27.24 -16.26 -6.26
N GLU A 890 26.84 -15.47 -5.27
CA GLU A 890 27.72 -15.22 -4.13
C GLU A 890 28.09 -16.49 -3.39
N PRO A 891 27.15 -17.39 -3.04
CA PRO A 891 27.53 -18.59 -2.30
C PRO A 891 28.02 -19.74 -3.17
N ILE A 892 28.08 -19.56 -4.48
CA ILE A 892 28.51 -20.61 -5.39
C ILE A 892 30.02 -20.49 -5.59
N ASP A 893 30.73 -21.57 -5.32
CA ASP A 893 32.18 -21.55 -5.47
C ASP A 893 32.57 -21.55 -6.94
N GLY A 894 33.57 -20.74 -7.28
CA GLY A 894 34.07 -20.65 -8.63
C GLY A 894 33.61 -19.44 -9.40
N ILE A 895 32.57 -18.74 -8.93
CA ILE A 895 32.05 -17.56 -9.58
C ILE A 895 32.17 -16.39 -8.61
N ASP A 896 32.83 -15.32 -9.05
CA ASP A 896 32.96 -14.10 -8.27
C ASP A 896 32.71 -12.92 -9.20
N SER A 897 32.35 -11.78 -8.60
CA SER A 897 32.01 -10.58 -9.35
C SER A 897 32.96 -10.36 -10.52
N ALA A 898 34.25 -10.25 -10.23
CA ALA A 898 35.25 -10.04 -11.27
C ALA A 898 34.96 -10.93 -12.47
N LEU A 899 34.96 -12.25 -12.26
CA LEU A 899 34.76 -13.18 -13.36
C LEU A 899 33.52 -12.82 -14.16
N ILE A 900 32.40 -12.61 -13.47
CA ILE A 900 31.16 -12.30 -14.16
C ILE A 900 31.38 -11.10 -15.07
N ALA A 901 31.96 -10.03 -14.52
CA ALA A 901 32.19 -8.84 -15.32
C ALA A 901 32.99 -9.19 -16.56
N MET A 902 34.05 -9.97 -16.36
CA MET A 902 34.89 -10.37 -17.49
C MET A 902 34.05 -11.03 -18.57
N TRP A 903 33.20 -11.98 -18.17
CA TRP A 903 32.42 -12.72 -19.15
C TRP A 903 31.48 -11.82 -19.93
N LEU A 904 31.12 -10.66 -19.38
CA LEU A 904 30.21 -9.74 -20.05
C LEU A 904 30.93 -8.75 -20.95
N GLY A 905 32.26 -8.77 -20.97
CA GLY A 905 33.02 -7.80 -21.73
C GLY A 905 33.33 -6.51 -20.98
N LEU A 906 32.87 -6.38 -19.74
CA LEU A 906 33.20 -5.23 -18.93
C LEU A 906 34.68 -5.28 -18.53
N ASP A 907 35.18 -4.15 -18.05
CA ASP A 907 36.53 -4.09 -17.54
C ASP A 907 36.57 -4.70 -16.13
N PRO A 908 37.33 -5.77 -15.90
CA PRO A 908 37.36 -6.39 -14.57
C PRO A 908 38.17 -5.63 -13.53
N SER A 909 38.58 -4.39 -13.83
CA SER A 909 39.40 -3.63 -12.88
C SER A 909 38.57 -3.10 -11.73
N GLN A 910 37.49 -2.38 -12.03
CA GLN A 910 36.67 -1.75 -11.00
C GLN A 910 35.50 -2.66 -10.62
N PHE A 911 35.84 -3.86 -10.17
CA PHE A 911 34.84 -4.84 -9.78
C PHE A 911 35.43 -5.87 -8.82
N ILE B 277 50.18 11.87 1.66
CA ILE B 277 50.08 11.82 3.12
C ILE B 277 49.73 10.42 3.56
N SER B 278 50.21 10.04 4.74
CA SER B 278 50.01 8.70 5.28
C SER B 278 48.88 8.70 6.30
N LEU B 279 48.17 7.58 6.39
CA LEU B 279 47.11 7.45 7.38
C LEU B 279 47.68 7.51 8.79
N GLU B 280 48.81 6.84 9.02
CA GLU B 280 49.35 6.76 10.37
C GLU B 280 49.63 8.15 10.94
N GLN B 281 50.21 9.03 10.13
CA GLN B 281 50.54 10.37 10.62
C GLN B 281 49.29 11.21 10.91
N ILE B 282 48.12 10.81 10.43
CA ILE B 282 46.91 11.60 10.69
C ILE B 282 46.73 11.78 12.19
N ASP B 283 46.83 10.70 12.95
CA ASP B 283 46.74 10.80 14.40
C ASP B 283 47.72 11.85 14.92
N GLY B 284 48.95 11.81 14.42
CA GLY B 284 49.92 12.79 14.84
C GLY B 284 49.45 14.21 14.60
N PHE B 285 48.90 14.47 13.41
CA PHE B 285 48.37 15.79 13.12
C PHE B 285 47.32 16.18 14.14
N ALA B 286 46.47 15.22 14.54
CA ALA B 286 45.41 15.52 15.49
C ALA B 286 45.95 16.09 16.79
N ALA B 287 47.22 15.84 17.09
CA ALA B 287 47.79 16.41 18.30
C ALA B 287 47.88 17.92 18.22
N LYS B 288 48.34 18.46 17.09
CA LYS B 288 48.70 19.88 17.01
C LYS B 288 47.84 20.65 16.02
N SER B 289 47.83 20.25 14.75
CA SER B 289 47.27 21.10 13.70
C SER B 289 45.75 21.12 13.68
N PHE B 290 45.12 20.01 14.03
CA PHE B 290 43.68 19.91 13.87
C PHE B 290 42.98 20.96 14.74
N PRO B 291 42.06 21.75 14.18
CA PRO B 291 41.25 22.64 15.02
C PRO B 291 40.39 21.83 15.99
N LEU B 292 39.98 22.49 17.07
CA LEU B 292 39.36 21.76 18.17
C LEU B 292 38.16 20.95 17.70
N CYS B 293 37.43 21.41 16.68
CA CYS B 293 36.31 20.64 16.17
C CYS B 293 36.77 19.29 15.65
N MET B 294 37.78 19.29 14.78
CA MET B 294 38.29 18.04 14.24
C MET B 294 38.95 17.20 15.33
N ARG B 295 39.58 17.84 16.31
CA ARG B 295 40.14 17.07 17.42
C ARG B 295 39.05 16.32 18.17
N GLN B 296 37.94 16.98 18.46
CA GLN B 296 36.83 16.31 19.14
C GLN B 296 36.28 15.18 18.29
N LEU B 297 36.07 15.43 17.00
CA LEU B 297 35.54 14.40 16.13
C LEU B 297 36.46 13.18 16.07
N HIS B 298 37.76 13.42 15.93
CA HIS B 298 38.73 12.33 15.88
C HIS B 298 38.77 11.57 17.19
N LYS B 299 38.72 12.27 18.32
CA LYS B 299 38.72 11.60 19.61
C LYS B 299 37.50 10.69 19.74
N SER B 300 36.32 11.19 19.35
CA SER B 300 35.13 10.36 19.43
C SER B 300 35.23 9.16 18.48
N LEU B 301 35.76 9.39 17.28
CA LEU B 301 35.88 8.31 16.31
C LEU B 301 36.78 7.20 16.83
N ARG B 302 37.94 7.57 17.39
CA ARG B 302 38.84 6.56 17.93
C ARG B 302 38.33 5.95 19.22
N GLU B 303 37.43 6.64 19.92
CA GLU B 303 36.84 6.06 21.13
C GLU B 303 35.77 5.03 20.78
N ASN B 304 34.99 5.26 19.73
CA ASN B 304 33.83 4.42 19.45
C ASN B 304 33.81 3.83 18.03
N HIS B 305 34.74 4.22 17.16
CA HIS B 305 34.81 3.66 15.81
C HIS B 305 33.49 3.82 15.07
N HIS B 306 32.81 4.94 15.32
CA HIS B 306 31.56 5.23 14.62
C HIS B 306 31.12 6.67 14.86
N LEU B 307 30.63 7.32 13.81
CA LEU B 307 30.20 8.71 13.87
C LEU B 307 28.81 8.84 13.25
N ARG B 308 27.96 9.62 13.89
CA ARG B 308 26.68 9.95 13.30
C ARG B 308 26.90 10.75 12.00
N HIS B 309 25.81 10.95 11.26
CA HIS B 309 25.95 11.46 9.89
C HIS B 309 26.68 12.79 9.86
N GLY B 310 26.30 13.72 10.75
CA GLY B 310 26.93 15.03 10.73
C GLY B 310 28.43 14.95 10.92
N GLY B 311 28.85 14.15 11.91
CA GLY B 311 30.27 13.96 12.11
C GLY B 311 30.96 13.35 10.91
N ARG B 312 30.31 12.37 10.28
CA ARG B 312 30.88 11.75 9.09
C ARG B 312 31.11 12.80 8.01
N MET B 313 30.09 13.61 7.72
CA MET B 313 30.23 14.63 6.69
C MET B 313 31.34 15.60 7.02
N GLN B 314 31.33 16.14 8.24
CA GLN B 314 32.31 17.15 8.61
C GLN B 314 33.73 16.59 8.53
N TYR B 315 33.97 15.43 9.14
CA TYR B 315 35.31 14.89 9.18
C TYR B 315 35.78 14.45 7.80
N GLY B 316 34.88 13.87 7.00
CA GLY B 316 35.26 13.50 5.64
C GLY B 316 35.65 14.70 4.81
N LEU B 317 34.87 15.79 4.90
CA LEU B 317 35.22 16.98 4.14
C LEU B 317 36.55 17.56 4.63
N PHE B 318 36.79 17.53 5.94
CA PHE B 318 38.06 18.07 6.45
C PHE B 318 39.24 17.23 5.95
N LEU B 319 39.12 15.91 6.02
CA LEU B 319 40.20 15.05 5.56
C LEU B 319 40.40 15.16 4.06
N LYS B 320 39.34 15.46 3.31
CA LYS B 320 39.51 15.80 1.90
C LYS B 320 40.30 17.09 1.78
N GLY B 321 40.01 18.07 2.63
CA GLY B 321 40.70 19.34 2.55
C GLY B 321 42.18 19.23 2.82
N ILE B 322 42.56 18.44 3.84
CA ILE B 322 43.98 18.32 4.17
C ILE B 322 44.74 17.66 3.03
N GLY B 323 44.07 16.82 2.24
CA GLY B 323 44.69 16.25 1.07
C GLY B 323 44.50 14.75 0.92
N LEU B 324 43.88 14.12 1.92
CA LEU B 324 43.67 12.68 1.87
C LEU B 324 42.96 12.30 0.57
N THR B 325 43.64 11.51 -0.25
CA THR B 325 43.09 11.13 -1.54
C THR B 325 41.95 10.13 -1.38
N LEU B 326 41.18 9.97 -2.45
CA LEU B 326 40.00 9.10 -2.39
C LEU B 326 40.39 7.70 -1.92
N GLU B 327 41.48 7.15 -2.47
CA GLU B 327 41.95 5.85 -1.99
C GLU B 327 42.35 5.92 -0.52
N GLN B 328 43.06 6.98 -0.14
CA GLN B 328 43.51 7.11 1.25
C GLN B 328 42.33 7.26 2.20
N ALA B 329 41.38 8.11 1.85
CA ALA B 329 40.20 8.30 2.70
C ALA B 329 39.39 7.01 2.79
N LEU B 330 39.23 6.31 1.67
CA LEU B 330 38.52 5.04 1.69
C LEU B 330 39.20 4.05 2.62
N GLN B 331 40.52 3.94 2.51
CA GLN B 331 41.25 3.03 3.37
C GLN B 331 41.09 3.40 4.84
N PHE B 332 41.22 4.70 5.15
CA PHE B 332 41.12 5.13 6.53
C PHE B 332 39.74 4.81 7.11
N TRP B 333 38.69 5.17 6.38
CA TRP B 333 37.34 4.93 6.89
C TRP B 333 37.06 3.44 7.00
N ARG B 334 37.50 2.65 6.02
CA ARG B 334 37.32 1.21 6.10
C ARG B 334 37.97 0.65 7.35
N LEU B 335 39.25 0.99 7.58
CA LEU B 335 39.95 0.45 8.73
C LEU B 335 39.32 0.90 10.03
N GLU B 336 38.91 2.16 10.11
CA GLU B 336 38.34 2.67 11.36
C GLU B 336 36.98 2.02 11.65
N PHE B 337 36.14 1.86 10.64
CA PHE B 337 34.81 1.33 10.87
C PHE B 337 34.81 -0.18 11.05
N THR B 338 35.73 -0.91 10.41
CA THR B 338 35.74 -2.36 10.52
C THR B 338 35.85 -2.80 11.97
N LYS B 339 36.52 -2.01 12.82
CA LYS B 339 36.67 -2.35 14.22
C LYS B 339 35.37 -2.19 14.99
N GLY B 340 34.34 -1.62 14.39
CA GLY B 340 33.09 -1.36 15.08
C GLY B 340 32.12 -2.52 15.03
N LYS B 341 32.63 -3.72 14.76
CA LYS B 341 31.81 -4.93 14.72
C LYS B 341 30.72 -4.82 13.65
N VAL B 342 31.13 -4.46 12.44
CA VAL B 342 30.23 -4.42 11.29
C VAL B 342 30.88 -5.19 10.15
N ASP B 343 30.05 -5.71 9.26
CA ASP B 343 30.56 -6.49 8.14
C ASP B 343 31.42 -5.62 7.25
N SER B 344 32.50 -6.21 6.72
CA SER B 344 33.37 -5.47 5.81
C SER B 344 32.63 -5.06 4.55
N GLU B 345 31.81 -5.96 4.01
CA GLU B 345 31.06 -5.64 2.79
C GLU B 345 30.05 -4.53 3.04
N LYS B 346 29.55 -4.39 4.26
CA LYS B 346 28.58 -3.35 4.57
C LYS B 346 29.16 -1.96 4.30
N PHE B 347 30.46 -1.78 4.58
CA PHE B 347 31.08 -0.49 4.34
C PHE B 347 31.02 -0.13 2.87
N ASP B 348 31.49 -1.03 2.00
CA ASP B 348 31.43 -0.78 0.57
C ASP B 348 30.00 -0.62 0.09
N LYS B 349 29.06 -1.29 0.76
CA LYS B 349 27.65 -1.18 0.34
C LYS B 349 27.09 0.20 0.64
N VAL B 350 27.42 0.77 1.80
CA VAL B 350 26.75 1.97 2.29
C VAL B 350 27.65 3.21 2.19
N TYR B 351 28.78 3.22 2.90
CA TYR B 351 29.53 4.45 3.08
C TYR B 351 30.43 4.79 1.90
N ALA B 352 30.67 3.84 1.00
CA ALA B 352 31.54 4.11 -0.13
C ALA B 352 30.97 5.23 -1.00
N TYR B 353 29.67 5.21 -1.25
CA TYR B 353 29.06 6.24 -2.07
C TYR B 353 29.20 7.61 -1.42
N SER B 354 28.99 7.70 -0.11
CA SER B 354 29.13 8.98 0.58
C SER B 354 30.57 9.49 0.45
N ILE B 355 31.54 8.60 0.69
CA ILE B 355 32.94 9.00 0.59
C ILE B 355 33.25 9.49 -0.82
N ARG B 356 32.77 8.76 -1.83
CA ARG B 356 32.99 9.18 -3.21
C ARG B 356 32.36 10.54 -3.48
N HIS B 357 31.14 10.75 -2.97
CA HIS B 357 30.43 11.99 -3.25
C HIS B 357 31.15 13.19 -2.64
N ASN B 358 31.68 13.02 -1.42
CA ASN B 358 32.42 14.12 -0.81
C ASN B 358 33.55 14.59 -1.71
N TYR B 359 34.10 13.70 -2.53
CA TYR B 359 35.17 14.03 -3.46
C TYR B 359 34.64 14.31 -4.87
N GLY B 360 33.33 14.47 -5.02
CA GLY B 360 32.75 14.79 -6.31
C GLY B 360 32.95 13.70 -7.34
N LYS B 361 32.69 12.46 -6.96
CA LYS B 361 32.89 11.31 -7.84
C LYS B 361 31.60 10.80 -8.47
N GLU B 362 30.44 11.09 -7.89
CA GLU B 362 29.18 10.52 -8.32
C GLU B 362 28.11 11.59 -8.31
N GLY B 363 26.88 11.19 -8.62
CA GLY B 363 25.75 12.12 -8.56
C GLY B 363 25.99 13.30 -9.47
N LYS B 364 25.75 14.50 -8.94
CA LYS B 364 26.03 15.71 -9.69
C LYS B 364 27.50 15.86 -10.02
N ARG B 365 28.38 15.13 -9.31
CA ARG B 365 29.81 15.14 -9.58
C ARG B 365 30.37 16.56 -9.45
N THR B 366 30.25 17.10 -8.24
CA THR B 366 30.75 18.42 -7.91
C THR B 366 31.83 18.30 -6.84
N ASP B 367 32.94 19.03 -7.04
CA ASP B 367 34.05 19.04 -6.09
C ASP B 367 33.62 19.87 -4.88
N TYR B 368 32.88 19.23 -3.98
CA TYR B 368 32.36 19.93 -2.82
C TYR B 368 33.48 20.46 -1.96
N THR B 369 33.41 21.76 -1.65
CA THR B 369 34.46 22.40 -0.87
C THR B 369 34.30 22.05 0.62
N PRO B 370 35.39 22.10 1.38
CA PRO B 370 35.28 21.86 2.83
C PRO B 370 34.41 22.90 3.50
N TYR B 371 33.74 22.48 4.58
CA TYR B 371 32.87 23.39 5.31
C TYR B 371 33.63 24.62 5.78
N SER B 372 33.00 25.77 5.65
CA SER B 372 33.53 27.01 6.20
C SER B 372 33.02 27.18 7.62
N CYS B 373 33.78 27.92 8.43
CA CYS B 373 33.42 28.10 9.83
C CYS B 373 32.00 28.64 9.96
N MET B 374 31.60 29.54 9.05
CA MET B 374 30.24 30.05 9.09
C MET B 374 29.23 28.93 8.89
N LYS B 375 29.50 28.02 7.94
CA LYS B 375 28.61 26.89 7.73
C LYS B 375 28.56 26.01 8.98
N VAL B 376 29.73 25.68 9.54
CA VAL B 376 29.78 24.81 10.70
C VAL B 376 28.97 25.41 11.85
N ILE B 377 29.11 26.71 12.07
CA ILE B 377 28.35 27.36 13.12
C ILE B 377 26.86 27.33 12.81
N LEU B 378 26.50 27.60 11.56
CA LEU B 378 25.10 27.69 11.15
C LEU B 378 24.59 26.40 10.50
N SER B 379 25.38 25.33 10.51
CA SER B 379 24.95 24.07 9.93
C SER B 379 24.02 23.36 10.92
N ASN B 380 23.77 22.07 10.68
CA ASN B 380 22.86 21.32 11.53
C ASN B 380 23.28 21.45 12.99
N PRO B 381 22.37 21.78 13.90
CA PRO B 381 22.74 21.90 15.31
C PRO B 381 22.93 20.53 15.93
N PRO B 382 24.07 20.27 16.55
CA PRO B 382 24.31 18.95 17.15
C PRO B 382 23.37 18.69 18.32
N SER B 383 23.09 17.40 18.54
CA SER B 383 22.24 16.98 19.64
C SER B 383 22.93 15.90 20.47
N GLN B 384 22.20 15.28 21.38
CA GLN B 384 22.79 14.22 22.20
C GLN B 384 23.32 13.11 21.30
N GLY B 385 24.52 12.63 21.64
CA GLY B 385 25.17 11.61 20.83
C GLY B 385 25.94 12.14 19.64
N ASP B 386 25.93 13.45 19.41
CA ASP B 386 26.65 14.05 18.31
C ASP B 386 27.92 14.73 18.82
N TYR B 387 28.87 14.93 17.90
CA TYR B 387 30.13 15.57 18.25
C TYR B 387 30.59 16.55 17.18
N HIS B 388 29.76 16.86 16.19
CA HIS B 388 30.16 17.77 15.12
C HIS B 388 29.98 19.21 15.61
N GLY B 389 30.11 20.17 14.69
CA GLY B 389 29.91 21.57 15.02
C GLY B 389 31.15 22.18 15.66
N CYS B 390 31.08 23.49 15.86
CA CYS B 390 32.18 24.21 16.49
C CYS B 390 32.09 24.04 18.00
N PRO B 391 33.10 23.46 18.66
CA PRO B 391 33.02 23.32 20.11
C PRO B 391 32.81 24.65 20.83
N PHE B 392 33.45 25.71 20.36
CA PHE B 392 33.30 27.00 21.03
C PHE B 392 31.85 27.46 21.05
N ARG B 393 31.07 27.08 20.04
CA ARG B 393 29.66 27.46 19.98
C ARG B 393 28.74 26.41 20.57
N HIS B 394 29.06 25.12 20.39
CA HIS B 394 28.17 24.04 20.79
C HIS B 394 28.61 23.36 22.08
N SER B 395 29.54 23.96 22.83
CA SER B 395 29.97 23.43 24.11
C SER B 395 29.66 24.45 25.20
N ASP B 396 29.10 23.97 26.30
CA ASP B 396 28.77 24.85 27.41
C ASP B 396 30.05 25.43 28.01
N PRO B 397 29.98 26.64 28.58
CA PRO B 397 31.22 27.26 29.07
C PRO B 397 31.99 26.40 30.05
N GLU B 398 31.30 25.69 30.94
CA GLU B 398 32.00 24.80 31.87
C GLU B 398 32.72 23.69 31.12
N LEU B 399 32.06 23.10 30.13
CA LEU B 399 32.69 22.03 29.35
C LEU B 399 33.89 22.56 28.58
N LEU B 400 33.77 23.75 28.00
CA LEU B 400 34.90 24.33 27.27
C LEU B 400 36.06 24.62 28.22
N LYS B 401 35.76 25.13 29.43
CA LYS B 401 36.82 25.35 30.40
C LYS B 401 37.52 24.05 30.77
N GLN B 402 36.74 22.99 30.99
CA GLN B 402 37.34 21.70 31.32
C GLN B 402 38.22 21.20 30.18
N LYS B 403 37.73 21.30 28.94
CA LYS B 403 38.51 20.85 27.81
C LYS B 403 39.80 21.64 27.66
N LEU B 404 39.72 22.96 27.81
CA LEU B 404 40.93 23.78 27.70
C LEU B 404 41.93 23.44 28.80
N GLN B 405 41.44 23.21 30.02
CA GLN B 405 42.33 22.80 31.09
C GLN B 405 42.99 21.46 30.77
N SER B 406 42.23 20.54 30.17
CA SER B 406 42.79 19.23 29.84
C SER B 406 43.99 19.35 28.91
N PHE B 407 43.95 20.32 27.98
CA PHE B 407 45.01 20.50 27.01
C PHE B 407 46.21 21.28 27.57
N LYS B 408 46.30 21.42 28.89
CA LYS B 408 47.44 22.06 29.55
C LYS B 408 47.56 23.54 29.17
N VAL B 409 46.48 24.17 28.75
CA VAL B 409 46.53 25.59 28.40
C VAL B 409 46.77 26.40 29.68
N PRO B 410 47.57 27.47 29.65
CA PRO B 410 47.76 28.26 30.86
C PRO B 410 46.44 28.86 31.35
N SER B 411 46.33 29.00 32.67
CA SER B 411 45.09 29.49 33.27
C SER B 411 44.70 30.83 32.68
N SER B 412 45.68 31.72 32.46
CA SER B 412 45.37 33.00 31.85
C SER B 412 44.81 32.82 30.44
N GLY B 413 45.42 31.92 29.66
CA GLY B 413 44.90 31.64 28.33
C GLY B 413 43.49 31.07 28.36
N ILE B 414 43.24 30.15 29.30
CA ILE B 414 41.90 29.57 29.40
C ILE B 414 40.88 30.65 29.76
N ASN B 415 41.23 31.52 30.69
CA ASN B 415 40.32 32.60 31.07
C ASN B 415 40.06 33.54 29.89
N GLN B 416 41.10 33.87 29.14
CA GLN B 416 40.93 34.72 27.97
C GLN B 416 40.03 34.07 26.93
N ILE B 417 40.23 32.76 26.69
CA ILE B 417 39.40 32.05 25.73
C ILE B 417 37.95 32.04 26.19
N LEU B 418 37.72 31.80 27.48
CA LEU B 418 36.35 31.81 28.00
C LEU B 418 35.73 33.19 27.83
N GLU B 419 36.50 34.25 28.12
CA GLU B 419 35.98 35.60 27.96
C GLU B 419 35.60 35.86 26.51
N LEU B 420 36.45 35.45 25.57
CA LEU B 420 36.12 35.61 24.15
C LEU B 420 34.86 34.83 23.80
N VAL B 421 34.73 33.62 24.33
CA VAL B 421 33.56 32.80 24.04
C VAL B 421 32.29 33.50 24.53
N LYS B 422 32.34 34.08 25.72
CA LYS B 422 31.19 34.82 26.23
C LYS B 422 30.82 36.00 25.34
N GLY B 423 31.77 36.48 24.53
CA GLY B 423 31.52 37.57 23.61
C GLY B 423 30.93 37.17 22.27
N MET B 424 30.61 35.89 22.09
CA MET B 424 30.00 35.34 20.88
C MET B 424 30.95 35.33 19.69
N HIS B 425 32.21 35.72 19.87
CA HIS B 425 33.20 35.71 18.79
C HIS B 425 34.01 34.42 18.92
N TYR B 426 33.40 33.32 18.49
CA TYR B 426 34.04 32.01 18.61
C TYR B 426 35.25 31.90 17.70
N GLN B 427 35.20 32.53 16.52
CA GLN B 427 36.36 32.52 15.64
C GLN B 427 37.56 33.18 16.32
N LEU B 428 37.33 34.27 17.04
CA LEU B 428 38.41 34.88 17.80
C LEU B 428 38.91 33.93 18.88
N ALA B 429 38.00 33.15 19.48
CA ALA B 429 38.42 32.16 20.47
C ALA B 429 39.35 31.13 19.85
N CYS B 430 39.01 30.65 18.66
CA CYS B 430 39.88 29.69 17.97
C CYS B 430 41.21 30.34 17.60
N GLN B 431 41.20 31.61 17.22
CA GLN B 431 42.44 32.32 16.95
C GLN B 431 43.30 32.40 18.21
N LYS B 432 42.68 32.66 19.36
CA LYS B 432 43.43 32.67 20.62
C LYS B 432 43.99 31.30 20.93
N TYR B 433 43.21 30.25 20.66
CA TYR B 433 43.70 28.89 20.83
C TYR B 433 44.94 28.66 19.98
N PHE B 434 44.88 29.06 18.72
CA PHE B 434 46.03 28.89 17.83
C PHE B 434 47.24 29.66 18.35
N GLU B 435 47.02 30.90 18.81
CA GLU B 435 48.13 31.69 19.32
C GLU B 435 48.77 31.02 20.53
N LEU B 436 47.95 30.53 21.46
CA LEU B 436 48.49 29.94 22.67
C LEU B 436 49.19 28.61 22.39
N THR B 437 48.61 27.78 21.53
CA THR B 437 49.15 26.44 21.32
C THR B 437 50.41 26.46 20.48
N HIS B 438 50.53 27.40 19.56
CA HIS B 438 51.69 27.47 18.67
C HIS B 438 52.78 28.39 19.21
N SER B 439 52.62 28.94 20.40
CA SER B 439 53.63 29.80 21.02
C SER B 439 53.96 30.99 20.12
N VAL B 440 52.91 31.62 19.60
CA VAL B 440 53.05 32.81 18.77
C VAL B 440 52.21 33.92 19.39
N ASP B 441 52.80 35.11 19.51
CA ASP B 441 52.10 36.22 20.15
C ASP B 441 50.84 36.59 19.38
N ASP B 442 50.93 36.64 18.04
CA ASP B 442 49.79 36.98 17.20
C ASP B 442 49.62 35.92 16.13
N CYS B 443 48.37 35.55 15.85
CA CYS B 443 48.10 34.54 14.84
C CYS B 443 48.56 35.01 13.46
N GLY B 444 48.31 36.28 13.13
CA GLY B 444 48.70 36.84 11.85
C GLY B 444 47.79 36.51 10.70
N PHE B 445 46.69 35.81 10.94
CA PHE B 445 45.76 35.46 9.87
C PHE B 445 44.35 35.44 10.44
N SER B 446 43.37 35.73 9.57
CA SER B 446 41.96 35.72 9.94
C SER B 446 41.43 34.32 9.72
N LEU B 447 41.39 33.52 10.79
CA LEU B 447 40.93 32.14 10.68
C LEU B 447 39.46 32.11 10.24
N ASN B 448 39.22 31.64 9.01
CA ASN B 448 37.87 31.52 8.50
C ASN B 448 37.63 30.18 7.79
N HIS B 449 38.46 29.19 8.07
CA HIS B 449 38.31 27.86 7.48
C HIS B 449 39.15 26.87 8.26
N PRO B 450 38.60 25.73 8.67
CA PRO B 450 39.43 24.75 9.40
C PRO B 450 40.66 24.33 8.62
N ASN B 451 40.53 24.21 7.30
CA ASN B 451 41.70 23.92 6.48
C ASN B 451 42.72 25.03 6.57
N GLN B 452 42.27 26.28 6.74
CA GLN B 452 43.21 27.37 6.97
C GLN B 452 43.96 27.15 8.29
N TYR B 453 43.25 26.70 9.32
CA TYR B 453 43.90 26.38 10.60
C TYR B 453 44.98 25.33 10.38
N PHE B 454 44.64 24.23 9.72
CA PHE B 454 45.61 23.16 9.52
C PHE B 454 46.78 23.63 8.68
N ALA B 455 46.51 24.43 7.64
CA ALA B 455 47.58 24.92 6.79
C ALA B 455 48.52 25.82 7.56
N GLU B 456 47.98 26.71 8.40
CA GLU B 456 48.83 27.58 9.20
C GLU B 456 49.67 26.77 10.18
N SER B 457 49.07 25.76 10.81
CA SER B 457 49.83 24.92 11.72
C SER B 457 50.96 24.20 11.00
N GLN B 458 50.68 23.66 9.81
CA GLN B 458 51.71 22.98 9.05
C GLN B 458 52.81 23.95 8.63
N LYS B 459 52.43 25.17 8.21
CA LYS B 459 53.43 26.16 7.85
C LYS B 459 54.34 26.48 9.02
N LEU B 460 53.75 26.67 10.20
CA LEU B 460 54.55 27.01 11.37
C LEU B 460 55.47 25.86 11.77
N LEU B 461 54.95 24.62 11.75
CA LEU B 461 55.74 23.49 12.24
C LEU B 461 56.77 23.05 11.20
N THR B 462 56.32 22.60 10.04
CA THR B 462 57.21 22.13 8.99
C THR B 462 57.94 23.30 8.34
#